data_2ADX
# 
_entry.id   2ADX 
# 
_audit_conform.dict_name       mmcif_pdbx.dic 
_audit_conform.dict_version    5.399 
_audit_conform.dict_location   http://mmcif.pdb.org/dictionaries/ascii/mmcif_pdbx.dic 
# 
loop_
_database_2.database_id 
_database_2.database_code 
_database_2.pdbx_database_accession 
_database_2.pdbx_DOI 
PDB   2ADX         pdb_00002adx 10.2210/pdb2adx/pdb 
WWPDB D_1000177747 ?            ?                   
# 
loop_
_pdbx_audit_revision_history.ordinal 
_pdbx_audit_revision_history.data_content_type 
_pdbx_audit_revision_history.major_revision 
_pdbx_audit_revision_history.minor_revision 
_pdbx_audit_revision_history.revision_date 
1 'Structure model' 1 0 1997-12-24 
2 'Structure model' 1 1 2008-03-24 
3 'Structure model' 1 2 2011-07-13 
4 'Structure model' 1 3 2022-03-09 
5 'Structure model' 1 4 2024-11-20 
# 
_pdbx_audit_revision_details.ordinal             1 
_pdbx_audit_revision_details.revision_ordinal    1 
_pdbx_audit_revision_details.data_content_type   'Structure model' 
_pdbx_audit_revision_details.provider            repository 
_pdbx_audit_revision_details.type                'Initial release' 
_pdbx_audit_revision_details.description         ? 
_pdbx_audit_revision_details.details             ? 
# 
loop_
_pdbx_audit_revision_group.ordinal 
_pdbx_audit_revision_group.revision_ordinal 
_pdbx_audit_revision_group.data_content_type 
_pdbx_audit_revision_group.group 
1 2 'Structure model' 'Version format compliance' 
2 3 'Structure model' 'Version format compliance' 
3 4 'Structure model' 'Database references'       
4 4 'Structure model' 'Derived calculations'      
5 4 'Structure model' Other                       
6 5 'Structure model' 'Data collection'           
7 5 'Structure model' 'Structure summary'         
# 
loop_
_pdbx_audit_revision_category.ordinal 
_pdbx_audit_revision_category.revision_ordinal 
_pdbx_audit_revision_category.data_content_type 
_pdbx_audit_revision_category.category 
1 4 'Structure model' database_2                
2 4 'Structure model' pdbx_database_status      
3 4 'Structure model' pdbx_struct_assembly      
4 4 'Structure model' pdbx_struct_oper_list     
5 5 'Structure model' chem_comp_atom            
6 5 'Structure model' chem_comp_bond            
7 5 'Structure model' pdbx_entry_details        
8 5 'Structure model' pdbx_modification_feature 
# 
loop_
_pdbx_audit_revision_item.ordinal 
_pdbx_audit_revision_item.revision_ordinal 
_pdbx_audit_revision_item.data_content_type 
_pdbx_audit_revision_item.item 
1 4 'Structure model' '_database_2.pdbx_DOI'                
2 4 'Structure model' '_database_2.pdbx_database_accession' 
3 4 'Structure model' '_pdbx_database_status.process_site'  
# 
_pdbx_database_status.status_code                     REL 
_pdbx_database_status.entry_id                        2ADX 
_pdbx_database_status.recvd_initial_deposition_date   1997-02-18 
_pdbx_database_status.deposit_site                    ? 
_pdbx_database_status.process_site                    BNL 
_pdbx_database_status.SG_entry                        . 
_pdbx_database_status.pdb_format_compatible           Y 
_pdbx_database_status.status_code_mr                  ? 
_pdbx_database_status.status_code_sf                  ? 
_pdbx_database_status.status_code_cs                  ? 
_pdbx_database_status.status_code_nmr_data            ? 
_pdbx_database_status.methods_development_category    ? 
# 
_pdbx_database_related.db_name        PDB 
_pdbx_database_related.db_id          1ADX 
_pdbx_database_related.details        . 
_pdbx_database_related.content_type   ensemble 
# 
loop_
_audit_author.name 
_audit_author.pdbx_ordinal 
'Sampoli-Benitez, B.A.' 1 
'Hunter, M.J.'          2 
'Meininger, D.P.'       3 
'Komives, E.A.'         4 
# 
_citation.id                        primary 
_citation.title                     
'Structure of the fifth EGF-like domain of thrombomodulin: An EGF-like domain with a novel disulfide-bonding pattern.' 
_citation.journal_abbrev            J.Mol.Biol. 
_citation.journal_volume            273 
_citation.page_first                913 
_citation.page_last                 926 
_citation.year                      1997 
_citation.journal_id_ASTM           JMOBAK 
_citation.country                   UK 
_citation.journal_id_ISSN           0022-2836 
_citation.journal_id_CSD            0070 
_citation.book_publisher            ? 
_citation.pdbx_database_id_PubMed   9367781 
_citation.pdbx_database_id_DOI      10.1006/jmbi.1997.1356 
# 
loop_
_citation_author.citation_id 
_citation_author.name 
_citation_author.ordinal 
_citation_author.identifier_ORCID 
primary 'Sampoli Benitez, B.A.' 1 ? 
primary 'Hunter, M.J.'          2 ? 
primary 'Meininger, D.P.'       3 ? 
primary 'Komives, E.A.'         4 ? 
# 
_entity.id                         1 
_entity.type                       polymer 
_entity.src_method                 man 
_entity.pdbx_description           THROMBOMODULIN 
_entity.formula_weight             4377.751 
_entity.pdbx_number_of_molecules   1 
_entity.pdbx_ec                    ? 
_entity.pdbx_mutation              ? 
_entity.pdbx_fragment              'FIFTH EGF-LIKE DOMAIN' 
_entity.details                    ? 
# 
_entity_name_com.entity_id   1 
_entity_name_com.name        TMEGF5 
# 
_entity_poly.entity_id                      1 
_entity_poly.type                           'polypeptide(L)' 
_entity_poly.nstd_linkage                   no 
_entity_poly.nstd_monomer                   no 
_entity_poly.pdbx_seq_one_letter_code       QMFCNQTACPADCDPNTQASCECPEGYILDDGFICTDIDE 
_entity_poly.pdbx_seq_one_letter_code_can   QMFCNQTACPADCDPNTQASCECPEGYILDDGFICTDIDE 
_entity_poly.pdbx_strand_id                 A 
_entity_poly.pdbx_target_identifier         ? 
# 
loop_
_entity_poly_seq.entity_id 
_entity_poly_seq.num 
_entity_poly_seq.mon_id 
_entity_poly_seq.hetero 
1 1  GLN n 
1 2  MET n 
1 3  PHE n 
1 4  CYS n 
1 5  ASN n 
1 6  GLN n 
1 7  THR n 
1 8  ALA n 
1 9  CYS n 
1 10 PRO n 
1 11 ALA n 
1 12 ASP n 
1 13 CYS n 
1 14 ASP n 
1 15 PRO n 
1 16 ASN n 
1 17 THR n 
1 18 GLN n 
1 19 ALA n 
1 20 SER n 
1 21 CYS n 
1 22 GLU n 
1 23 CYS n 
1 24 PRO n 
1 25 GLU n 
1 26 GLY n 
1 27 TYR n 
1 28 ILE n 
1 29 LEU n 
1 30 ASP n 
1 31 ASP n 
1 32 GLY n 
1 33 PHE n 
1 34 ILE n 
1 35 CYS n 
1 36 THR n 
1 37 ASP n 
1 38 ILE n 
1 39 ASP n 
1 40 GLU n 
# 
_entity_src_gen.entity_id                          1 
_entity_src_gen.pdbx_src_id                        1 
_entity_src_gen.pdbx_alt_source_flag               sample 
_entity_src_gen.pdbx_seq_type                      ? 
_entity_src_gen.pdbx_beg_seq_num                   ? 
_entity_src_gen.pdbx_end_seq_num                   ? 
_entity_src_gen.gene_src_common_name               human 
_entity_src_gen.gene_src_genus                     Homo 
_entity_src_gen.pdbx_gene_src_gene                 ? 
_entity_src_gen.gene_src_species                   ? 
_entity_src_gen.gene_src_strain                    ? 
_entity_src_gen.gene_src_tissue                    ? 
_entity_src_gen.gene_src_tissue_fraction           ? 
_entity_src_gen.gene_src_details                   ? 
_entity_src_gen.pdbx_gene_src_fragment             ? 
_entity_src_gen.pdbx_gene_src_scientific_name      'Homo sapiens' 
_entity_src_gen.pdbx_gene_src_ncbi_taxonomy_id     9606 
_entity_src_gen.pdbx_gene_src_variant              ? 
_entity_src_gen.pdbx_gene_src_cell_line            ? 
_entity_src_gen.pdbx_gene_src_atcc                 ? 
_entity_src_gen.pdbx_gene_src_organ                BLOOD 
_entity_src_gen.pdbx_gene_src_organelle            ? 
_entity_src_gen.pdbx_gene_src_cell                 ? 
_entity_src_gen.pdbx_gene_src_cellular_location    ? 
_entity_src_gen.host_org_common_name               ? 
_entity_src_gen.pdbx_host_org_scientific_name      ? 
_entity_src_gen.pdbx_host_org_ncbi_taxonomy_id     ? 
_entity_src_gen.host_org_genus                     ? 
_entity_src_gen.pdbx_host_org_gene                 ? 
_entity_src_gen.pdbx_host_org_organ                ? 
_entity_src_gen.host_org_species                   ? 
_entity_src_gen.pdbx_host_org_tissue               ? 
_entity_src_gen.pdbx_host_org_tissue_fraction      ? 
_entity_src_gen.pdbx_host_org_strain               ? 
_entity_src_gen.pdbx_host_org_variant              ? 
_entity_src_gen.pdbx_host_org_cell_line            ? 
_entity_src_gen.pdbx_host_org_atcc                 ? 
_entity_src_gen.pdbx_host_org_culture_collection   ? 
_entity_src_gen.pdbx_host_org_cell                 ? 
_entity_src_gen.pdbx_host_org_organelle            ? 
_entity_src_gen.pdbx_host_org_cellular_location    ? 
_entity_src_gen.pdbx_host_org_vector_type          ? 
_entity_src_gen.pdbx_host_org_vector               ? 
_entity_src_gen.host_org_details                   ? 
_entity_src_gen.expression_system_id               ? 
_entity_src_gen.plasmid_name                       ? 
_entity_src_gen.plasmid_details                    ? 
_entity_src_gen.pdbx_description                   ? 
# 
loop_
_chem_comp.id 
_chem_comp.type 
_chem_comp.mon_nstd_flag 
_chem_comp.name 
_chem_comp.pdbx_synonyms 
_chem_comp.formula 
_chem_comp.formula_weight 
ALA 'L-peptide linking' y ALANINE         ? 'C3 H7 N O2'    89.093  
ASN 'L-peptide linking' y ASPARAGINE      ? 'C4 H8 N2 O3'   132.118 
ASP 'L-peptide linking' y 'ASPARTIC ACID' ? 'C4 H7 N O4'    133.103 
CYS 'L-peptide linking' y CYSTEINE        ? 'C3 H7 N O2 S'  121.158 
GLN 'L-peptide linking' y GLUTAMINE       ? 'C5 H10 N2 O3'  146.144 
GLU 'L-peptide linking' y 'GLUTAMIC ACID' ? 'C5 H9 N O4'    147.129 
GLY 'peptide linking'   y GLYCINE         ? 'C2 H5 N O2'    75.067  
ILE 'L-peptide linking' y ISOLEUCINE      ? 'C6 H13 N O2'   131.173 
LEU 'L-peptide linking' y LEUCINE         ? 'C6 H13 N O2'   131.173 
MET 'L-peptide linking' y METHIONINE      ? 'C5 H11 N O2 S' 149.211 
PHE 'L-peptide linking' y PHENYLALANINE   ? 'C9 H11 N O2'   165.189 
PRO 'L-peptide linking' y PROLINE         ? 'C5 H9 N O2'    115.130 
SER 'L-peptide linking' y SERINE          ? 'C3 H7 N O3'    105.093 
THR 'L-peptide linking' y THREONINE       ? 'C4 H9 N O3'    119.119 
TYR 'L-peptide linking' y TYROSINE        ? 'C9 H11 N O3'   181.189 
# 
loop_
_pdbx_poly_seq_scheme.asym_id 
_pdbx_poly_seq_scheme.entity_id 
_pdbx_poly_seq_scheme.seq_id 
_pdbx_poly_seq_scheme.mon_id 
_pdbx_poly_seq_scheme.ndb_seq_num 
_pdbx_poly_seq_scheme.pdb_seq_num 
_pdbx_poly_seq_scheme.auth_seq_num 
_pdbx_poly_seq_scheme.pdb_mon_id 
_pdbx_poly_seq_scheme.auth_mon_id 
_pdbx_poly_seq_scheme.pdb_strand_id 
_pdbx_poly_seq_scheme.pdb_ins_code 
_pdbx_poly_seq_scheme.hetero 
A 1 1  GLN 1  1  1  GLN GLN A . n 
A 1 2  MET 2  2  2  MET MET A . n 
A 1 3  PHE 3  3  3  PHE PHE A . n 
A 1 4  CYS 4  4  4  CYS CYS A . n 
A 1 5  ASN 5  5  5  ASN ASN A . n 
A 1 6  GLN 6  6  6  GLN GLN A . n 
A 1 7  THR 7  7  7  THR THR A . n 
A 1 8  ALA 8  8  8  ALA ALA A . n 
A 1 9  CYS 9  9  9  CYS CYS A . n 
A 1 10 PRO 10 10 10 PRO PRO A . n 
A 1 11 ALA 11 11 11 ALA ALA A . n 
A 1 12 ASP 12 12 12 ASP ASP A . n 
A 1 13 CYS 13 13 13 CYS CYS A . n 
A 1 14 ASP 14 14 14 ASP ASP A . n 
A 1 15 PRO 15 15 15 PRO PRO A . n 
A 1 16 ASN 16 16 16 ASN ASN A . n 
A 1 17 THR 17 17 17 THR THR A . n 
A 1 18 GLN 18 18 18 GLN GLN A . n 
A 1 19 ALA 19 19 19 ALA ALA A . n 
A 1 20 SER 20 20 20 SER SER A . n 
A 1 21 CYS 21 21 21 CYS CYS A . n 
A 1 22 GLU 22 22 22 GLU GLU A . n 
A 1 23 CYS 23 23 23 CYS CYS A . n 
A 1 24 PRO 24 24 24 PRO PRO A . n 
A 1 25 GLU 25 25 25 GLU GLU A . n 
A 1 26 GLY 26 26 26 GLY GLY A . n 
A 1 27 TYR 27 27 27 TYR TYR A . n 
A 1 28 ILE 28 28 28 ILE ILE A . n 
A 1 29 LEU 29 29 29 LEU LEU A . n 
A 1 30 ASP 30 30 30 ASP ASP A . n 
A 1 31 ASP 31 31 31 ASP ASP A . n 
A 1 32 GLY 32 32 32 GLY GLY A . n 
A 1 33 PHE 33 33 33 PHE PHE A . n 
A 1 34 ILE 34 34 34 ILE ILE A . n 
A 1 35 CYS 35 35 35 CYS CYS A . n 
A 1 36 THR 36 36 36 THR THR A . n 
A 1 37 ASP 37 37 37 ASP ASP A . n 
A 1 38 ILE 38 38 38 ILE ILE A . n 
A 1 39 ASP 39 39 39 ASP ASP A . n 
A 1 40 GLU 40 40 40 GLU GLU A . n 
# 
loop_
_software.name 
_software.classification 
_software.version 
_software.citation_id 
_software.pdbx_ordinal 
X-PLOR 'model building' 3.1 ? 1 
X-PLOR refinement       3.1 ? 2 
X-PLOR phasing          3.1 ? 3 
# 
_cell.entry_id           2ADX 
_cell.length_a           1.000 
_cell.length_b           1.000 
_cell.length_c           1.000 
_cell.angle_alpha        90.00 
_cell.angle_beta         90.00 
_cell.angle_gamma        90.00 
_cell.Z_PDB              1 
_cell.pdbx_unique_axis   ? 
# 
_symmetry.entry_id                         2ADX 
_symmetry.space_group_name_H-M             'P 1' 
_symmetry.pdbx_full_space_group_name_H-M   ? 
_symmetry.cell_setting                     ? 
_symmetry.Int_Tables_number                1 
# 
_exptl.entry_id          2ADX 
_exptl.method            'SOLUTION NMR' 
_exptl.crystals_number   ? 
# 
_struct.entry_id                  2ADX 
_struct.title                     'FIFTH EGF-LIKE DOMAIN OF THROMBOMODULIN (TMEGF5), NMR, MINIMIZED AVERAGE STRUCTURE' 
_struct.pdbx_model_details        ? 
_struct.pdbx_CASP_flag            ? 
_struct.pdbx_model_type_details   ? 
# 
_struct_keywords.entry_id        2ADX 
_struct_keywords.pdbx_keywords   'BLOOD COAGULATION' 
_struct_keywords.text            
'BLOOD COAGULATION, ANTICOAGULANT, FIBRINOGEN, PEPTIDE SYNTHESIS, PROTEIN C, THROMBIN, DISULFIDE BONDS' 
# 
_struct_asym.id                            A 
_struct_asym.pdbx_blank_PDB_chainid_flag   Y 
_struct_asym.pdbx_modified                 N 
_struct_asym.entity_id                     1 
_struct_asym.details                       ? 
# 
_struct_ref.id                         1 
_struct_ref.db_name                    UNP 
_struct_ref.db_code                    TRBM_HUMAN 
_struct_ref.entity_id                  1 
_struct_ref.pdbx_db_accession          P07204 
_struct_ref.pdbx_align_begin           1 
_struct_ref.pdbx_seq_one_letter_code   
;MLGVLVLGALALAGLGFPAPAEPQPGGSQCVEHDCFALYPGPATFLNASQICDGLRGHLMTVRSSVAADVISLLLNGDGG
VGRRRLWIGLQLPPGCGDPKRLGPLRGFQWVTGDNNTSYSRWARLDLNGAPLCGPLCVAVSAAEATVPSEPIWEEQQCEV
KADGFLCEFHFPATCRPLAVEPGAAAAAVSITYGTPFAARGADFQALPVGSSAAVAPLGLQLMCTAPPGAVQGHWAREAP
GAWDCSVENGGCEHACNAIPGAPRCQCPAGAALQADGRSCTASATQSCNDLCEHFCVPNPDQPGSYSCMCETGYRLAADQ
HRCEDVDDCILEPSPCPQRCVNTQGGFECHCYPNYDLVDGECVEPVDPCFRANCEYQCQPLNQTSYLCVCAEGFAPIPHE
PHRCQMFCNQTACPADCDPNTQASCECPEGYILDDGFICTDIDECENGGFCSGVCHNLPGTFECICGPDSALARHIGTDC
DSGKVDGGDSGSGEPPPSPTPGSTLTPPAVGLVHSGLLIGISIASLCLVVALLALLCHLRKKQGAARAKMEYKCAAPSKE
VVLQHVRTERTPQRL
;
_struct_ref.pdbx_db_isoform            ? 
# 
_struct_ref_seq.align_id                      1 
_struct_ref_seq.ref_id                        1 
_struct_ref_seq.pdbx_PDB_id_code              2ADX 
_struct_ref_seq.pdbx_strand_id                A 
_struct_ref_seq.seq_align_beg                 1 
_struct_ref_seq.pdbx_seq_align_beg_ins_code   ? 
_struct_ref_seq.seq_align_end                 40 
_struct_ref_seq.pdbx_seq_align_end_ins_code   ? 
_struct_ref_seq.pdbx_db_accession             P07204 
_struct_ref_seq.db_align_beg                  405 
_struct_ref_seq.pdbx_db_align_beg_ins_code    ? 
_struct_ref_seq.db_align_end                  444 
_struct_ref_seq.pdbx_db_align_end_ins_code    ? 
_struct_ref_seq.pdbx_auth_seq_align_beg       1 
_struct_ref_seq.pdbx_auth_seq_align_end       40 
# 
_pdbx_struct_assembly.id                   1 
_pdbx_struct_assembly.details              author_defined_assembly 
_pdbx_struct_assembly.method_details       ? 
_pdbx_struct_assembly.oligomeric_details   monomeric 
_pdbx_struct_assembly.oligomeric_count     1 
# 
_pdbx_struct_assembly_gen.assembly_id       1 
_pdbx_struct_assembly_gen.oper_expression   1 
_pdbx_struct_assembly_gen.asym_id_list      A 
# 
_pdbx_struct_oper_list.id                   1 
_pdbx_struct_oper_list.type                 'identity operation' 
_pdbx_struct_oper_list.name                 1_555 
_pdbx_struct_oper_list.symmetry_operation   x,y,z 
_pdbx_struct_oper_list.matrix[1][1]         1.0000000000 
_pdbx_struct_oper_list.matrix[1][2]         0.0000000000 
_pdbx_struct_oper_list.matrix[1][3]         0.0000000000 
_pdbx_struct_oper_list.vector[1]            0.0000000000 
_pdbx_struct_oper_list.matrix[2][1]         0.0000000000 
_pdbx_struct_oper_list.matrix[2][2]         1.0000000000 
_pdbx_struct_oper_list.matrix[2][3]         0.0000000000 
_pdbx_struct_oper_list.vector[2]            0.0000000000 
_pdbx_struct_oper_list.matrix[3][1]         0.0000000000 
_pdbx_struct_oper_list.matrix[3][2]         0.0000000000 
_pdbx_struct_oper_list.matrix[3][3]         1.0000000000 
_pdbx_struct_oper_list.vector[3]            0.0000000000 
# 
_struct_biol.id   1 
# 
loop_
_struct_conn.id 
_struct_conn.conn_type_id 
_struct_conn.pdbx_leaving_atom_flag 
_struct_conn.pdbx_PDB_id 
_struct_conn.ptnr1_label_asym_id 
_struct_conn.ptnr1_label_comp_id 
_struct_conn.ptnr1_label_seq_id 
_struct_conn.ptnr1_label_atom_id 
_struct_conn.pdbx_ptnr1_label_alt_id 
_struct_conn.pdbx_ptnr1_PDB_ins_code 
_struct_conn.pdbx_ptnr1_standard_comp_id 
_struct_conn.ptnr1_symmetry 
_struct_conn.ptnr2_label_asym_id 
_struct_conn.ptnr2_label_comp_id 
_struct_conn.ptnr2_label_seq_id 
_struct_conn.ptnr2_label_atom_id 
_struct_conn.pdbx_ptnr2_label_alt_id 
_struct_conn.pdbx_ptnr2_PDB_ins_code 
_struct_conn.ptnr1_auth_asym_id 
_struct_conn.ptnr1_auth_comp_id 
_struct_conn.ptnr1_auth_seq_id 
_struct_conn.ptnr2_auth_asym_id 
_struct_conn.ptnr2_auth_comp_id 
_struct_conn.ptnr2_auth_seq_id 
_struct_conn.ptnr2_symmetry 
_struct_conn.pdbx_ptnr3_label_atom_id 
_struct_conn.pdbx_ptnr3_label_seq_id 
_struct_conn.pdbx_ptnr3_label_comp_id 
_struct_conn.pdbx_ptnr3_label_asym_id 
_struct_conn.pdbx_ptnr3_label_alt_id 
_struct_conn.pdbx_ptnr3_PDB_ins_code 
_struct_conn.details 
_struct_conn.pdbx_dist_value 
_struct_conn.pdbx_value_order 
_struct_conn.pdbx_role 
disulf1 disulf ? ? A CYS 4  SG ? ? ? 1_555 A CYS 9  SG ? ? A CYS 4  A CYS 9  1_555 ? ? ? ? ? ? ? 2.020 ? ? 
disulf2 disulf ? ? A CYS 13 SG ? ? ? 1_555 A CYS 21 SG ? ? A CYS 13 A CYS 21 1_555 ? ? ? ? ? ? ? 2.021 ? ? 
disulf3 disulf ? ? A CYS 23 SG ? ? ? 1_555 A CYS 35 SG ? ? A CYS 23 A CYS 35 1_555 ? ? ? ? ? ? ? 2.018 ? ? 
# 
_struct_conn_type.id          disulf 
_struct_conn_type.criteria    ? 
_struct_conn_type.reference   ? 
# 
loop_
_pdbx_modification_feature.ordinal 
_pdbx_modification_feature.label_comp_id 
_pdbx_modification_feature.label_asym_id 
_pdbx_modification_feature.label_seq_id 
_pdbx_modification_feature.label_alt_id 
_pdbx_modification_feature.modified_residue_label_comp_id 
_pdbx_modification_feature.modified_residue_label_asym_id 
_pdbx_modification_feature.modified_residue_label_seq_id 
_pdbx_modification_feature.modified_residue_label_alt_id 
_pdbx_modification_feature.auth_comp_id 
_pdbx_modification_feature.auth_asym_id 
_pdbx_modification_feature.auth_seq_id 
_pdbx_modification_feature.PDB_ins_code 
_pdbx_modification_feature.symmetry 
_pdbx_modification_feature.modified_residue_auth_comp_id 
_pdbx_modification_feature.modified_residue_auth_asym_id 
_pdbx_modification_feature.modified_residue_auth_seq_id 
_pdbx_modification_feature.modified_residue_PDB_ins_code 
_pdbx_modification_feature.modified_residue_symmetry 
_pdbx_modification_feature.comp_id_linking_atom 
_pdbx_modification_feature.modified_residue_id_linking_atom 
_pdbx_modification_feature.modified_residue_id 
_pdbx_modification_feature.ref_pcm_id 
_pdbx_modification_feature.ref_comp_id 
_pdbx_modification_feature.type 
_pdbx_modification_feature.category 
1 CYS A 4  ? CYS A 9  ? CYS A 4  ? 1_555 CYS A 9  ? 1_555 SG SG . . . None 'Disulfide bridge' 
2 CYS A 13 ? CYS A 21 ? CYS A 13 ? 1_555 CYS A 21 ? 1_555 SG SG . . . None 'Disulfide bridge' 
3 CYS A 23 ? CYS A 35 ? CYS A 23 ? 1_555 CYS A 35 ? 1_555 SG SG . . . None 'Disulfide bridge' 
# 
_pdbx_entry_details.entry_id                   2ADX 
_pdbx_entry_details.compound_details           ? 
_pdbx_entry_details.source_details             ? 
_pdbx_entry_details.nonpolymer_details         ? 
_pdbx_entry_details.sequence_details           ? 
_pdbx_entry_details.has_ligand_of_interest     ? 
_pdbx_entry_details.has_protein_modification   Y 
# 
_pdbx_validate_rmsd_angle.id                         1 
_pdbx_validate_rmsd_angle.PDB_model_num              1 
_pdbx_validate_rmsd_angle.auth_atom_id_1             C 
_pdbx_validate_rmsd_angle.auth_asym_id_1             A 
_pdbx_validate_rmsd_angle.auth_comp_id_1             CYS 
_pdbx_validate_rmsd_angle.auth_seq_id_1              9 
_pdbx_validate_rmsd_angle.PDB_ins_code_1             ? 
_pdbx_validate_rmsd_angle.label_alt_id_1             ? 
_pdbx_validate_rmsd_angle.auth_atom_id_2             N 
_pdbx_validate_rmsd_angle.auth_asym_id_2             A 
_pdbx_validate_rmsd_angle.auth_comp_id_2             PRO 
_pdbx_validate_rmsd_angle.auth_seq_id_2              10 
_pdbx_validate_rmsd_angle.PDB_ins_code_2             ? 
_pdbx_validate_rmsd_angle.label_alt_id_2             ? 
_pdbx_validate_rmsd_angle.auth_atom_id_3             CD 
_pdbx_validate_rmsd_angle.auth_asym_id_3             A 
_pdbx_validate_rmsd_angle.auth_comp_id_3             PRO 
_pdbx_validate_rmsd_angle.auth_seq_id_3              10 
_pdbx_validate_rmsd_angle.PDB_ins_code_3             ? 
_pdbx_validate_rmsd_angle.label_alt_id_3             ? 
_pdbx_validate_rmsd_angle.angle_value                102.97 
_pdbx_validate_rmsd_angle.angle_target_value         128.40 
_pdbx_validate_rmsd_angle.angle_deviation            -25.43 
_pdbx_validate_rmsd_angle.angle_standard_deviation   2.10 
_pdbx_validate_rmsd_angle.linker_flag                Y 
# 
loop_
_pdbx_validate_torsion.id 
_pdbx_validate_torsion.PDB_model_num 
_pdbx_validate_torsion.auth_comp_id 
_pdbx_validate_torsion.auth_asym_id 
_pdbx_validate_torsion.auth_seq_id 
_pdbx_validate_torsion.PDB_ins_code 
_pdbx_validate_torsion.label_alt_id 
_pdbx_validate_torsion.phi 
_pdbx_validate_torsion.psi 
1  1 GLN A 6  ? ? 178.21  -175.72 
2  1 THR A 7  ? ? -43.99  -83.51  
3  1 CYS A 9  ? ? -143.11 -124.24 
4  1 PRO A 10 ? ? -123.19 -156.95 
5  1 ALA A 11 ? ? -146.48 52.43   
6  1 CYS A 13 ? ? 41.43   79.09   
7  1 ASP A 14 ? ? -44.03  151.69  
8  1 ASN A 16 ? ? -157.02 37.09   
9  1 THR A 17 ? ? 176.46  -29.63  
10 1 SER A 20 ? ? -55.07  -166.81 
11 1 CYS A 21 ? ? 39.49   -90.15  
12 1 GLU A 22 ? ? -36.69  -30.82  
13 1 CYS A 23 ? ? 61.54   153.06  
14 1 PRO A 24 ? ? -47.58  -179.46 
15 1 ILE A 28 ? ? 82.04   113.65  
16 1 LEU A 29 ? ? -58.75  -166.09 
17 1 ASP A 31 ? ? -44.02  101.95  
18 1 PHE A 33 ? ? 57.10   17.14   
19 1 ASP A 37 ? ? -165.68 77.63   
20 1 ASP A 39 ? ? 166.97  -60.54  
# 
_pdbx_nmr_ensemble.entry_id                             2ADX 
_pdbx_nmr_ensemble.conformers_calculated_total_number   50 
_pdbx_nmr_ensemble.conformers_submitted_total_number    1 
_pdbx_nmr_ensemble.conformer_selection_criteria         'MIN AVG STRUCTURE' 
# 
_pdbx_nmr_exptl_sample_conditions.conditions_id       1 
_pdbx_nmr_exptl_sample_conditions.temperature         298 
_pdbx_nmr_exptl_sample_conditions.pressure            ? 
_pdbx_nmr_exptl_sample_conditions.pH                  5.5 
_pdbx_nmr_exptl_sample_conditions.ionic_strength      ? 
_pdbx_nmr_exptl_sample_conditions.pressure_units      ? 
_pdbx_nmr_exptl_sample_conditions.temperature_units   K 
# 
loop_
_pdbx_nmr_exptl.experiment_id 
_pdbx_nmr_exptl.conditions_id 
_pdbx_nmr_exptl.type 
_pdbx_nmr_exptl.solution_id 
1 1 TOCSY            1 
2 1 'NOESY DQF-COSY' 1 
3 1 E-COSY           1 
# 
_pdbx_nmr_refine.entry_id           2ADX 
_pdbx_nmr_refine.method             'DISTANCE GEOMETRY AND SIMULATED ANNEALING' 
_pdbx_nmr_refine.details            'REFINEMENT DETAILS CAN BE FOUND IN THE JRNL REFERENCE ABOVE.' 
_pdbx_nmr_refine.software_ordinal   1 
# 
loop_
_pdbx_nmr_software.classification 
_pdbx_nmr_software.name 
_pdbx_nmr_software.version 
_pdbx_nmr_software.authors 
_pdbx_nmr_software.ordinal 
refinement           X-PLOR 3.1 BRUNGER 1 
'structure solution' DGII   ?   ?       2 
'structure solution' X-PLOR ?   ?       3 
# 
loop_
_chem_comp_atom.comp_id 
_chem_comp_atom.atom_id 
_chem_comp_atom.type_symbol 
_chem_comp_atom.pdbx_aromatic_flag 
_chem_comp_atom.pdbx_stereo_config 
_chem_comp_atom.pdbx_ordinal 
ALA N    N N N 1   
ALA CA   C N S 2   
ALA C    C N N 3   
ALA O    O N N 4   
ALA CB   C N N 5   
ALA OXT  O N N 6   
ALA H    H N N 7   
ALA H2   H N N 8   
ALA HA   H N N 9   
ALA HB1  H N N 10  
ALA HB2  H N N 11  
ALA HB3  H N N 12  
ALA HXT  H N N 13  
ASN N    N N N 14  
ASN CA   C N S 15  
ASN C    C N N 16  
ASN O    O N N 17  
ASN CB   C N N 18  
ASN CG   C N N 19  
ASN OD1  O N N 20  
ASN ND2  N N N 21  
ASN OXT  O N N 22  
ASN H    H N N 23  
ASN H2   H N N 24  
ASN HA   H N N 25  
ASN HB2  H N N 26  
ASN HB3  H N N 27  
ASN HD21 H N N 28  
ASN HD22 H N N 29  
ASN HXT  H N N 30  
ASP N    N N N 31  
ASP CA   C N S 32  
ASP C    C N N 33  
ASP O    O N N 34  
ASP CB   C N N 35  
ASP CG   C N N 36  
ASP OD1  O N N 37  
ASP OD2  O N N 38  
ASP OXT  O N N 39  
ASP H    H N N 40  
ASP H2   H N N 41  
ASP HA   H N N 42  
ASP HB2  H N N 43  
ASP HB3  H N N 44  
ASP HD2  H N N 45  
ASP HXT  H N N 46  
CYS N    N N N 47  
CYS CA   C N R 48  
CYS C    C N N 49  
CYS O    O N N 50  
CYS CB   C N N 51  
CYS SG   S N N 52  
CYS OXT  O N N 53  
CYS H    H N N 54  
CYS H2   H N N 55  
CYS HA   H N N 56  
CYS HB2  H N N 57  
CYS HB3  H N N 58  
CYS HG   H N N 59  
CYS HXT  H N N 60  
GLN N    N N N 61  
GLN CA   C N S 62  
GLN C    C N N 63  
GLN O    O N N 64  
GLN CB   C N N 65  
GLN CG   C N N 66  
GLN CD   C N N 67  
GLN OE1  O N N 68  
GLN NE2  N N N 69  
GLN OXT  O N N 70  
GLN H    H N N 71  
GLN H2   H N N 72  
GLN HA   H N N 73  
GLN HB2  H N N 74  
GLN HB3  H N N 75  
GLN HG2  H N N 76  
GLN HG3  H N N 77  
GLN HE21 H N N 78  
GLN HE22 H N N 79  
GLN HXT  H N N 80  
GLU N    N N N 81  
GLU CA   C N S 82  
GLU C    C N N 83  
GLU O    O N N 84  
GLU CB   C N N 85  
GLU CG   C N N 86  
GLU CD   C N N 87  
GLU OE1  O N N 88  
GLU OE2  O N N 89  
GLU OXT  O N N 90  
GLU H    H N N 91  
GLU H2   H N N 92  
GLU HA   H N N 93  
GLU HB2  H N N 94  
GLU HB3  H N N 95  
GLU HG2  H N N 96  
GLU HG3  H N N 97  
GLU HE2  H N N 98  
GLU HXT  H N N 99  
GLY N    N N N 100 
GLY CA   C N N 101 
GLY C    C N N 102 
GLY O    O N N 103 
GLY OXT  O N N 104 
GLY H    H N N 105 
GLY H2   H N N 106 
GLY HA2  H N N 107 
GLY HA3  H N N 108 
GLY HXT  H N N 109 
ILE N    N N N 110 
ILE CA   C N S 111 
ILE C    C N N 112 
ILE O    O N N 113 
ILE CB   C N S 114 
ILE CG1  C N N 115 
ILE CG2  C N N 116 
ILE CD1  C N N 117 
ILE OXT  O N N 118 
ILE H    H N N 119 
ILE H2   H N N 120 
ILE HA   H N N 121 
ILE HB   H N N 122 
ILE HG12 H N N 123 
ILE HG13 H N N 124 
ILE HG21 H N N 125 
ILE HG22 H N N 126 
ILE HG23 H N N 127 
ILE HD11 H N N 128 
ILE HD12 H N N 129 
ILE HD13 H N N 130 
ILE HXT  H N N 131 
LEU N    N N N 132 
LEU CA   C N S 133 
LEU C    C N N 134 
LEU O    O N N 135 
LEU CB   C N N 136 
LEU CG   C N N 137 
LEU CD1  C N N 138 
LEU CD2  C N N 139 
LEU OXT  O N N 140 
LEU H    H N N 141 
LEU H2   H N N 142 
LEU HA   H N N 143 
LEU HB2  H N N 144 
LEU HB3  H N N 145 
LEU HG   H N N 146 
LEU HD11 H N N 147 
LEU HD12 H N N 148 
LEU HD13 H N N 149 
LEU HD21 H N N 150 
LEU HD22 H N N 151 
LEU HD23 H N N 152 
LEU HXT  H N N 153 
MET N    N N N 154 
MET CA   C N S 155 
MET C    C N N 156 
MET O    O N N 157 
MET CB   C N N 158 
MET CG   C N N 159 
MET SD   S N N 160 
MET CE   C N N 161 
MET OXT  O N N 162 
MET H    H N N 163 
MET H2   H N N 164 
MET HA   H N N 165 
MET HB2  H N N 166 
MET HB3  H N N 167 
MET HG2  H N N 168 
MET HG3  H N N 169 
MET HE1  H N N 170 
MET HE2  H N N 171 
MET HE3  H N N 172 
MET HXT  H N N 173 
PHE N    N N N 174 
PHE CA   C N S 175 
PHE C    C N N 176 
PHE O    O N N 177 
PHE CB   C N N 178 
PHE CG   C Y N 179 
PHE CD1  C Y N 180 
PHE CD2  C Y N 181 
PHE CE1  C Y N 182 
PHE CE2  C Y N 183 
PHE CZ   C Y N 184 
PHE OXT  O N N 185 
PHE H    H N N 186 
PHE H2   H N N 187 
PHE HA   H N N 188 
PHE HB2  H N N 189 
PHE HB3  H N N 190 
PHE HD1  H N N 191 
PHE HD2  H N N 192 
PHE HE1  H N N 193 
PHE HE2  H N N 194 
PHE HZ   H N N 195 
PHE HXT  H N N 196 
PRO N    N N N 197 
PRO CA   C N S 198 
PRO C    C N N 199 
PRO O    O N N 200 
PRO CB   C N N 201 
PRO CG   C N N 202 
PRO CD   C N N 203 
PRO OXT  O N N 204 
PRO H    H N N 205 
PRO HA   H N N 206 
PRO HB2  H N N 207 
PRO HB3  H N N 208 
PRO HG2  H N N 209 
PRO HG3  H N N 210 
PRO HD2  H N N 211 
PRO HD3  H N N 212 
PRO HXT  H N N 213 
SER N    N N N 214 
SER CA   C N S 215 
SER C    C N N 216 
SER O    O N N 217 
SER CB   C N N 218 
SER OG   O N N 219 
SER OXT  O N N 220 
SER H    H N N 221 
SER H2   H N N 222 
SER HA   H N N 223 
SER HB2  H N N 224 
SER HB3  H N N 225 
SER HG   H N N 226 
SER HXT  H N N 227 
THR N    N N N 228 
THR CA   C N S 229 
THR C    C N N 230 
THR O    O N N 231 
THR CB   C N R 232 
THR OG1  O N N 233 
THR CG2  C N N 234 
THR OXT  O N N 235 
THR H    H N N 236 
THR H2   H N N 237 
THR HA   H N N 238 
THR HB   H N N 239 
THR HG1  H N N 240 
THR HG21 H N N 241 
THR HG22 H N N 242 
THR HG23 H N N 243 
THR HXT  H N N 244 
TYR N    N N N 245 
TYR CA   C N S 246 
TYR C    C N N 247 
TYR O    O N N 248 
TYR CB   C N N 249 
TYR CG   C Y N 250 
TYR CD1  C Y N 251 
TYR CD2  C Y N 252 
TYR CE1  C Y N 253 
TYR CE2  C Y N 254 
TYR CZ   C Y N 255 
TYR OH   O N N 256 
TYR OXT  O N N 257 
TYR H    H N N 258 
TYR H2   H N N 259 
TYR HA   H N N 260 
TYR HB2  H N N 261 
TYR HB3  H N N 262 
TYR HD1  H N N 263 
TYR HD2  H N N 264 
TYR HE1  H N N 265 
TYR HE2  H N N 266 
TYR HH   H N N 267 
TYR HXT  H N N 268 
# 
loop_
_chem_comp_bond.comp_id 
_chem_comp_bond.atom_id_1 
_chem_comp_bond.atom_id_2 
_chem_comp_bond.value_order 
_chem_comp_bond.pdbx_aromatic_flag 
_chem_comp_bond.pdbx_stereo_config 
_chem_comp_bond.pdbx_ordinal 
ALA N   CA   sing N N 1   
ALA N   H    sing N N 2   
ALA N   H2   sing N N 3   
ALA CA  C    sing N N 4   
ALA CA  CB   sing N N 5   
ALA CA  HA   sing N N 6   
ALA C   O    doub N N 7   
ALA C   OXT  sing N N 8   
ALA CB  HB1  sing N N 9   
ALA CB  HB2  sing N N 10  
ALA CB  HB3  sing N N 11  
ALA OXT HXT  sing N N 12  
ASN N   CA   sing N N 13  
ASN N   H    sing N N 14  
ASN N   H2   sing N N 15  
ASN CA  C    sing N N 16  
ASN CA  CB   sing N N 17  
ASN CA  HA   sing N N 18  
ASN C   O    doub N N 19  
ASN C   OXT  sing N N 20  
ASN CB  CG   sing N N 21  
ASN CB  HB2  sing N N 22  
ASN CB  HB3  sing N N 23  
ASN CG  OD1  doub N N 24  
ASN CG  ND2  sing N N 25  
ASN ND2 HD21 sing N N 26  
ASN ND2 HD22 sing N N 27  
ASN OXT HXT  sing N N 28  
ASP N   CA   sing N N 29  
ASP N   H    sing N N 30  
ASP N   H2   sing N N 31  
ASP CA  C    sing N N 32  
ASP CA  CB   sing N N 33  
ASP CA  HA   sing N N 34  
ASP C   O    doub N N 35  
ASP C   OXT  sing N N 36  
ASP CB  CG   sing N N 37  
ASP CB  HB2  sing N N 38  
ASP CB  HB3  sing N N 39  
ASP CG  OD1  doub N N 40  
ASP CG  OD2  sing N N 41  
ASP OD2 HD2  sing N N 42  
ASP OXT HXT  sing N N 43  
CYS N   CA   sing N N 44  
CYS N   H    sing N N 45  
CYS N   H2   sing N N 46  
CYS CA  C    sing N N 47  
CYS CA  CB   sing N N 48  
CYS CA  HA   sing N N 49  
CYS C   O    doub N N 50  
CYS C   OXT  sing N N 51  
CYS CB  SG   sing N N 52  
CYS CB  HB2  sing N N 53  
CYS CB  HB3  sing N N 54  
CYS SG  HG   sing N N 55  
CYS OXT HXT  sing N N 56  
GLN N   CA   sing N N 57  
GLN N   H    sing N N 58  
GLN N   H2   sing N N 59  
GLN CA  C    sing N N 60  
GLN CA  CB   sing N N 61  
GLN CA  HA   sing N N 62  
GLN C   O    doub N N 63  
GLN C   OXT  sing N N 64  
GLN CB  CG   sing N N 65  
GLN CB  HB2  sing N N 66  
GLN CB  HB3  sing N N 67  
GLN CG  CD   sing N N 68  
GLN CG  HG2  sing N N 69  
GLN CG  HG3  sing N N 70  
GLN CD  OE1  doub N N 71  
GLN CD  NE2  sing N N 72  
GLN NE2 HE21 sing N N 73  
GLN NE2 HE22 sing N N 74  
GLN OXT HXT  sing N N 75  
GLU N   CA   sing N N 76  
GLU N   H    sing N N 77  
GLU N   H2   sing N N 78  
GLU CA  C    sing N N 79  
GLU CA  CB   sing N N 80  
GLU CA  HA   sing N N 81  
GLU C   O    doub N N 82  
GLU C   OXT  sing N N 83  
GLU CB  CG   sing N N 84  
GLU CB  HB2  sing N N 85  
GLU CB  HB3  sing N N 86  
GLU CG  CD   sing N N 87  
GLU CG  HG2  sing N N 88  
GLU CG  HG3  sing N N 89  
GLU CD  OE1  doub N N 90  
GLU CD  OE2  sing N N 91  
GLU OE2 HE2  sing N N 92  
GLU OXT HXT  sing N N 93  
GLY N   CA   sing N N 94  
GLY N   H    sing N N 95  
GLY N   H2   sing N N 96  
GLY CA  C    sing N N 97  
GLY CA  HA2  sing N N 98  
GLY CA  HA3  sing N N 99  
GLY C   O    doub N N 100 
GLY C   OXT  sing N N 101 
GLY OXT HXT  sing N N 102 
ILE N   CA   sing N N 103 
ILE N   H    sing N N 104 
ILE N   H2   sing N N 105 
ILE CA  C    sing N N 106 
ILE CA  CB   sing N N 107 
ILE CA  HA   sing N N 108 
ILE C   O    doub N N 109 
ILE C   OXT  sing N N 110 
ILE CB  CG1  sing N N 111 
ILE CB  CG2  sing N N 112 
ILE CB  HB   sing N N 113 
ILE CG1 CD1  sing N N 114 
ILE CG1 HG12 sing N N 115 
ILE CG1 HG13 sing N N 116 
ILE CG2 HG21 sing N N 117 
ILE CG2 HG22 sing N N 118 
ILE CG2 HG23 sing N N 119 
ILE CD1 HD11 sing N N 120 
ILE CD1 HD12 sing N N 121 
ILE CD1 HD13 sing N N 122 
ILE OXT HXT  sing N N 123 
LEU N   CA   sing N N 124 
LEU N   H    sing N N 125 
LEU N   H2   sing N N 126 
LEU CA  C    sing N N 127 
LEU CA  CB   sing N N 128 
LEU CA  HA   sing N N 129 
LEU C   O    doub N N 130 
LEU C   OXT  sing N N 131 
LEU CB  CG   sing N N 132 
LEU CB  HB2  sing N N 133 
LEU CB  HB3  sing N N 134 
LEU CG  CD1  sing N N 135 
LEU CG  CD2  sing N N 136 
LEU CG  HG   sing N N 137 
LEU CD1 HD11 sing N N 138 
LEU CD1 HD12 sing N N 139 
LEU CD1 HD13 sing N N 140 
LEU CD2 HD21 sing N N 141 
LEU CD2 HD22 sing N N 142 
LEU CD2 HD23 sing N N 143 
LEU OXT HXT  sing N N 144 
MET N   CA   sing N N 145 
MET N   H    sing N N 146 
MET N   H2   sing N N 147 
MET CA  C    sing N N 148 
MET CA  CB   sing N N 149 
MET CA  HA   sing N N 150 
MET C   O    doub N N 151 
MET C   OXT  sing N N 152 
MET CB  CG   sing N N 153 
MET CB  HB2  sing N N 154 
MET CB  HB3  sing N N 155 
MET CG  SD   sing N N 156 
MET CG  HG2  sing N N 157 
MET CG  HG3  sing N N 158 
MET SD  CE   sing N N 159 
MET CE  HE1  sing N N 160 
MET CE  HE2  sing N N 161 
MET CE  HE3  sing N N 162 
MET OXT HXT  sing N N 163 
PHE N   CA   sing N N 164 
PHE N   H    sing N N 165 
PHE N   H2   sing N N 166 
PHE CA  C    sing N N 167 
PHE CA  CB   sing N N 168 
PHE CA  HA   sing N N 169 
PHE C   O    doub N N 170 
PHE C   OXT  sing N N 171 
PHE CB  CG   sing N N 172 
PHE CB  HB2  sing N N 173 
PHE CB  HB3  sing N N 174 
PHE CG  CD1  doub Y N 175 
PHE CG  CD2  sing Y N 176 
PHE CD1 CE1  sing Y N 177 
PHE CD1 HD1  sing N N 178 
PHE CD2 CE2  doub Y N 179 
PHE CD2 HD2  sing N N 180 
PHE CE1 CZ   doub Y N 181 
PHE CE1 HE1  sing N N 182 
PHE CE2 CZ   sing Y N 183 
PHE CE2 HE2  sing N N 184 
PHE CZ  HZ   sing N N 185 
PHE OXT HXT  sing N N 186 
PRO N   CA   sing N N 187 
PRO N   CD   sing N N 188 
PRO N   H    sing N N 189 
PRO CA  C    sing N N 190 
PRO CA  CB   sing N N 191 
PRO CA  HA   sing N N 192 
PRO C   O    doub N N 193 
PRO C   OXT  sing N N 194 
PRO CB  CG   sing N N 195 
PRO CB  HB2  sing N N 196 
PRO CB  HB3  sing N N 197 
PRO CG  CD   sing N N 198 
PRO CG  HG2  sing N N 199 
PRO CG  HG3  sing N N 200 
PRO CD  HD2  sing N N 201 
PRO CD  HD3  sing N N 202 
PRO OXT HXT  sing N N 203 
SER N   CA   sing N N 204 
SER N   H    sing N N 205 
SER N   H2   sing N N 206 
SER CA  C    sing N N 207 
SER CA  CB   sing N N 208 
SER CA  HA   sing N N 209 
SER C   O    doub N N 210 
SER C   OXT  sing N N 211 
SER CB  OG   sing N N 212 
SER CB  HB2  sing N N 213 
SER CB  HB3  sing N N 214 
SER OG  HG   sing N N 215 
SER OXT HXT  sing N N 216 
THR N   CA   sing N N 217 
THR N   H    sing N N 218 
THR N   H2   sing N N 219 
THR CA  C    sing N N 220 
THR CA  CB   sing N N 221 
THR CA  HA   sing N N 222 
THR C   O    doub N N 223 
THR C   OXT  sing N N 224 
THR CB  OG1  sing N N 225 
THR CB  CG2  sing N N 226 
THR CB  HB   sing N N 227 
THR OG1 HG1  sing N N 228 
THR CG2 HG21 sing N N 229 
THR CG2 HG22 sing N N 230 
THR CG2 HG23 sing N N 231 
THR OXT HXT  sing N N 232 
TYR N   CA   sing N N 233 
TYR N   H    sing N N 234 
TYR N   H2   sing N N 235 
TYR CA  C    sing N N 236 
TYR CA  CB   sing N N 237 
TYR CA  HA   sing N N 238 
TYR C   O    doub N N 239 
TYR C   OXT  sing N N 240 
TYR CB  CG   sing N N 241 
TYR CB  HB2  sing N N 242 
TYR CB  HB3  sing N N 243 
TYR CG  CD1  doub Y N 244 
TYR CG  CD2  sing Y N 245 
TYR CD1 CE1  sing Y N 246 
TYR CD1 HD1  sing N N 247 
TYR CD2 CE2  doub Y N 248 
TYR CD2 HD2  sing N N 249 
TYR CE1 CZ   doub Y N 250 
TYR CE1 HE1  sing N N 251 
TYR CE2 CZ   sing Y N 252 
TYR CE2 HE2  sing N N 253 
TYR CZ  OH   sing N N 254 
TYR OH  HH   sing N N 255 
TYR OXT HXT  sing N N 256 
# 
loop_
_pdbx_nmr_spectrometer.spectrometer_id 
_pdbx_nmr_spectrometer.model 
_pdbx_nmr_spectrometer.manufacturer 
_pdbx_nmr_spectrometer.field_strength 
1 AMX500 Bruker 500 
2 DRX600 Bruker 600 
# 
_atom_sites.entry_id                    2ADX 
_atom_sites.fract_transf_matrix[1][1]   1.000000 
_atom_sites.fract_transf_matrix[1][2]   0.000000 
_atom_sites.fract_transf_matrix[1][3]   0.000000 
_atom_sites.fract_transf_matrix[2][1]   0.000000 
_atom_sites.fract_transf_matrix[2][2]   1.000000 
_atom_sites.fract_transf_matrix[2][3]   0.000000 
_atom_sites.fract_transf_matrix[3][1]   0.000000 
_atom_sites.fract_transf_matrix[3][2]   0.000000 
_atom_sites.fract_transf_matrix[3][3]   1.000000 
_atom_sites.fract_transf_vector[1]      0.00000 
_atom_sites.fract_transf_vector[2]      0.00000 
_atom_sites.fract_transf_vector[3]      0.00000 
# 
loop_
_atom_type.symbol 
C 
H 
N 
O 
S 
# 
loop_
_atom_site.group_PDB 
_atom_site.id 
_atom_site.type_symbol 
_atom_site.label_atom_id 
_atom_site.label_alt_id 
_atom_site.label_comp_id 
_atom_site.label_asym_id 
_atom_site.label_entity_id 
_atom_site.label_seq_id 
_atom_site.pdbx_PDB_ins_code 
_atom_site.Cartn_x 
_atom_site.Cartn_y 
_atom_site.Cartn_z 
_atom_site.occupancy 
_atom_site.B_iso_or_equiv 
_atom_site.pdbx_formal_charge 
_atom_site.auth_seq_id 
_atom_site.auth_comp_id 
_atom_site.auth_asym_id 
_atom_site.auth_atom_id 
_atom_site.pdbx_PDB_model_num 
ATOM 1   N N    . GLN A 1 1  ? 4.480   -2.613  -9.397  3.80 0.42 ? 1  GLN A N    1 
ATOM 2   C CA   . GLN A 1 1  ? 3.364   -1.725  -9.828  3.30 0.29 ? 1  GLN A CA   1 
ATOM 3   C C    . GLN A 1 1  ? 2.097   -2.083  -9.048  2.30 0.80 ? 1  GLN A C    1 
ATOM 4   O O    . GLN A 1 1  ? 1.129   -2.560  -9.603  2.60 0.31 ? 1  GLN A O    1 
ATOM 5   C CB   . GLN A 1 1  ? 3.111   -1.913  -11.325 3.90 0.08 ? 1  GLN A CB   1 
ATOM 6   C CG   . GLN A 1 1  ? 4.210   -1.207  -12.121 4.50 0.73 ? 1  GLN A CG   1 
ATOM 7   C CD   . GLN A 1 1  ? 4.375   -1.889  -13.480 5.30 0.23 ? 1  GLN A CD   1 
ATOM 8   O OE1  . GLN A 1 1  ? 3.417   -2.371  -14.051 5.60 0.74 ? 1  GLN A OE1  1 
ATOM 9   N NE2  . GLN A 1 1  ? 5.558   -1.951  -14.026 5.80 0.55 ? 1  GLN A NE2  1 
ATOM 10  H H1   . GLN A 1 1  ? 4.153   -3.234  -8.631  4.00 0.52 ? 1  GLN A H1   1 
ATOM 11  H H2   . GLN A 1 1  ? 4.794   -3.191  -10.204 4.10 0.35 ? 1  GLN A H2   1 
ATOM 12  H H3   . GLN A 1 1  ? 5.273   -2.034  -9.056  4.20 0.22 ? 1  GLN A H3   1 
ATOM 13  H HA   . GLN A 1 1  ? 3.627   -0.695  -9.633  3.70 0.58 ? 1  GLN A HA   1 
ATOM 14  H HB2  . GLN A 1 1  ? 3.115   -2.967  -11.561 4.10 0.79 ? 1  GLN A HB2  1 
ATOM 15  H HB3  . GLN A 1 1  ? 2.152   -1.489  -11.584 4.10 0.04 ? 1  GLN A HB3  1 
ATOM 16  H HG2  . GLN A 1 1  ? 3.939   -0.171  -12.267 4.50 0.82 ? 1  GLN A HG2  1 
ATOM 17  H HG3  . GLN A 1 1  ? 5.141   -1.263  -11.578 4.90 0.38 ? 1  GLN A HG3  1 
ATOM 18  H HE21 . GLN A 1 1  ? 6.331   -1.562  -13.567 5.70 0.48 ? 1  GLN A HE21 1 
ATOM 19  H HE22 . GLN A 1 1  ? 5.674   -2.385  -14.897 6.50 0.00 ? 1  GLN A HE22 1 
ATOM 20  N N    . MET A 1 2  ? 2.097   -1.856  -7.762  1.80 0.75 ? 2  MET A N    1 
ATOM 21  C CA   . MET A 1 2  ? 0.893   -2.184  -6.948  1.40 0.61 ? 2  MET A CA   1 
ATOM 22  C C    . MET A 1 2  ? 0.850   -1.280  -5.715  1.00 0.74 ? 2  MET A C    1 
ATOM 23  O O    . MET A 1 2  ? 1.652   -1.407  -4.811  1.60 0.91 ? 2  MET A O    1 
ATOM 24  C CB   . MET A 1 2  ? 0.959   -3.647  -6.505  1.90 0.50 ? 2  MET A CB   1 
ATOM 25  C CG   . MET A 1 2  ? -0.163  -4.437  -7.181  2.30 0.32 ? 2  MET A CG   1 
ATOM 26  S SD   . MET A 1 2  ? -0.115  -6.156  -6.616  3.30 0.35 ? 2  MET A SD   1 
ATOM 27  C CE   . MET A 1 2  ? -1.857  -6.542  -6.918  3.90 0.30 ? 2  MET A CE   1 
ATOM 28  H H    . MET A 1 2  ? 2.889   -1.470  -7.332  2.30 0.33 ? 2  MET A H    1 
ATOM 29  H HA   . MET A 1 2  ? 0.004   -2.028  -7.540  2.00 0.49 ? 2  MET A HA   1 
ATOM 30  H HB2  . MET A 1 2  ? 1.915   -4.066  -6.787  2.20 0.63 ? 2  MET A HB2  1 
ATOM 31  H HB3  . MET A 1 2  ? 0.843   -3.705  -5.433  2.40 0.26 ? 2  MET A HB3  1 
ATOM 32  H HG2  . MET A 1 2  ? -1.116  -3.999  -6.923  2.60 0.84 ? 2  MET A HG2  1 
ATOM 33  H HG3  . MET A 1 2  ? -0.031  -4.406  -8.252  2.20 0.99 ? 2  MET A HG3  1 
ATOM 34  H HE1  . MET A 1 2  ? -2.444  -5.636  -6.850  4.40 0.27 ? 2  MET A HE1  1 
ATOM 35  H HE2  . MET A 1 2  ? -1.969  -6.965  -7.903  3.90 0.98 ? 2  MET A HE2  1 
ATOM 36  H HE3  . MET A 1 2  ? -2.201  -7.255  -6.181  4.20 0.12 ? 2  MET A HE3  1 
ATOM 37  N N    . PHE A 1 3  ? -0.081  -0.367  -5.669  0.90 0.28 ? 3  PHE A N    1 
ATOM 38  C CA   . PHE A 1 3  ? -0.176  0.545   -4.492  0.70 0.81 ? 3  PHE A CA   1 
ATOM 39  C C    . PHE A 1 3  ? -1.360  0.126   -3.620  0.70 0.34 ? 3  PHE A C    1 
ATOM 40  O O    . PHE A 1 3  ? -2.432  0.692   -3.697  1.00 0.22 ? 3  PHE A O    1 
ATOM 41  C CB   . PHE A 1 3  ? -0.376  1.992   -4.961  1.30 0.20 ? 3  PHE A CB   1 
ATOM 42  C CG   . PHE A 1 3  ? -1.043  2.011   -6.317  1.40 0.12 ? 3  PHE A CG   1 
ATOM 43  C CD1  . PHE A 1 3  ? -0.285  1.786   -7.472  1.90 0.47 ? 3  PHE A CD1  1 
ATOM 44  C CD2  . PHE A 1 3  ? -2.418  2.255   -6.418  2.10 0.54 ? 3  PHE A CD2  1 
ATOM 45  C CE1  . PHE A 1 3  ? -0.901  1.805   -8.728  2.50 0.72 ? 3  PHE A CE1  1 
ATOM 46  C CE2  . PHE A 1 3  ? -3.035  2.274   -7.675  2.70 0.14 ? 3  PHE A CE2  1 
ATOM 47  C CZ   . PHE A 1 3  ? -2.276  2.049   -8.829  2.70 0.47 ? 3  PHE A CZ   1 
ATOM 48  H H    . PHE A 1 3  ? -0.719  -0.282  -6.407  1.50 0.52 ? 3  PHE A H    1 
ATOM 49  H HA   . PHE A 1 3  ? 0.734   0.479   -3.915  0.70 0.33 ? 3  PHE A HA   1 
ATOM 50  H HB2  . PHE A 1 3  ? -1.000  2.512   -4.250  1.80 0.85 ? 3  PHE A HB2  1 
ATOM 51  H HB3  . PHE A 1 3  ? 0.583   2.483   -5.026  1.70 0.05 ? 3  PHE A HB3  1 
ATOM 52  H HD1  . PHE A 1 3  ? 0.775   1.599   -7.393  2.40 0.30 ? 3  PHE A HD1  1 
ATOM 53  H HD2  . PHE A 1 3  ? -3.003  2.428   -5.527  2.70 0.34 ? 3  PHE A HD2  1 
ATOM 54  H HE1  . PHE A 1 3  ? -0.316  1.632   -9.619  3.30 0.13 ? 3  PHE A HE1  1 
ATOM 55  H HE2  . PHE A 1 3  ? -4.095  2.462   -7.753  3.40 0.99 ? 3  PHE A HE2  1 
ATOM 56  H HZ   . PHE A 1 3  ? -2.752  2.064   -9.799  3.30 0.84 ? 3  PHE A HZ   1 
ATOM 57  N N    . CYS A 1 4  ? -1.176  -0.867  -2.792  0.60 0.34 ? 4  CYS A N    1 
ATOM 58  C CA   . CYS A 1 4  ? -2.290  -1.330  -1.916  0.80 0.59 ? 4  CYS A CA   1 
ATOM 59  C C    . CYS A 1 4  ? -3.346  -2.045  -2.779  1.30 0.67 ? 4  CYS A C    1 
ATOM 60  O O    . CYS A 1 4  ? -4.377  -2.474  -2.298  1.90 0.91 ? 4  CYS A O    1 
ATOM 61  C CB   . CYS A 1 4  ? -2.863  -0.105  -1.153  0.60 0.04 ? 4  CYS A CB   1 
ATOM 62  S SG   . CYS A 1 4  ? -4.675  -0.065  -1.170  1.30 0.09 ? 4  CYS A SG   1 
ATOM 63  H H    . CYS A 1 4  ? -0.303  -1.311  -2.750  0.60 0.33 ? 4  CYS A H    1 
ATOM 64  H HA   . CYS A 1 4  ? -1.894  -2.036  -1.206  1.10 0.77 ? 4  CYS A HA   1 
ATOM 65  H HB2  . CYS A 1 4  ? -2.534  -0.145  -0.125  0.90 0.57 ? 4  CYS A HB2  1 
ATOM 66  H HB3  . CYS A 1 4  ? -2.484  0.803   -1.605  0.90 0.98 ? 4  CYS A HB3  1 
ATOM 67  N N    . ASN A 1 5  ? -3.077  -2.200  -4.044  1.70 0.68 ? 5  ASN A N    1 
ATOM 68  C CA   . ASN A 1 5  ? -4.041  -2.900  -4.943  2.30 0.15 ? 5  ASN A CA   1 
ATOM 69  C C    . ASN A 1 5  ? -5.186  -1.955  -5.319  1.90 0.99 ? 5  ASN A C    1 
ATOM 70  O O    . ASN A 1 5  ? -6.126  -2.343  -5.983  2.30 0.81 ? 5  ASN A O    1 
ATOM 71  C CB   . ASN A 1 5  ? -4.607  -4.131  -4.231  3.00 0.40 ? 5  ASN A CB   1 
ATOM 72  C CG   . ASN A 1 5  ? -3.503  -4.799  -3.410  3.70 0.96 ? 5  ASN A CG   1 
ATOM 73  O OD1  . ASN A 1 5  ? -2.417  -5.030  -3.905  4.40 0.38 ? 5  ASN A OD1  1 
ATOM 74  N ND2  . ASN A 1 5  ? -3.734  -5.122  -2.167  4.10 0.67 ? 5  ASN A ND2  1 
ATOM 75  H H    . ASN A 1 5  ? -2.230  -1.871  -4.402  2.00 0.83 ? 5  ASN A H    1 
ATOM 76  H HA   . ASN A 1 5  ? -3.527  -3.212  -5.841  2.70 0.74 ? 5  ASN A HA   1 
ATOM 77  H HB2  . ASN A 1 5  ? -5.411  -3.828  -3.574  3.30 0.46 ? 5  ASN A HB2  1 
ATOM 78  H HB3  . ASN A 1 5  ? -4.982  -4.830  -4.964  3.20 0.09 ? 5  ASN A HB3  1 
ATOM 79  H HD21 . ASN A 1 5  ? -4.612  -4.935  -1.768  4.00 0.51 ? 5  ASN A HD21 1 
ATOM 80  H HD22 . ASN A 1 5  ? -3.031  -5.552  -1.633  4.80 0.06 ? 5  ASN A HD22 1 
ATOM 81  N N    . GLN A 1 6  ? -5.118  -0.719  -4.905  2.00 0.52 ? 6  GLN A N    1 
ATOM 82  C CA   . GLN A 1 6  ? -6.208  0.242   -5.247  2.00 0.59 ? 6  GLN A CA   1 
ATOM 83  C C    . GLN A 1 6  ? -5.914  1.601   -4.609  1.80 0.11 ? 6  GLN A C    1 
ATOM 84  O O    . GLN A 1 6  ? -4.881  1.800   -4.000  2.20 0.31 ? 6  GLN A O    1 
ATOM 85  C CB   . GLN A 1 6  ? -7.542  -0.288  -4.716  2.20 0.61 ? 6  GLN A CB   1 
ATOM 86  C CG   . GLN A 1 6  ? -7.519  -0.287  -3.186  2.70 0.04 ? 6  GLN A CG   1 
ATOM 87  C CD   . GLN A 1 6  ? -8.431  -1.397  -2.661  3.40 0.16 ? 6  GLN A CD   1 
ATOM 88  O OE1  . GLN A 1 6  ? -8.033  -2.543  -2.590  3.70 0.55 ? 6  GLN A OE1  1 
ATOM 89  N NE2  . GLN A 1 6  ? -9.646  -1.105  -2.288  4.00 0.27 ? 6  GLN A NE2  1 
ATOM 90  H H    . GLN A 1 6  ? -4.352  -0.422  -4.371  2.50 0.46 ? 6  GLN A H    1 
ATOM 91  H HA   . GLN A 1 6  ? -6.266  0.352   -6.319  2.50 0.20 ? 6  GLN A HA   1 
ATOM 92  H HB2  . GLN A 1 6  ? -8.345  0.347   -5.064  2.60 0.98 ? 6  GLN A HB2  1 
ATOM 93  H HB3  . GLN A 1 6  ? -7.699  -1.295  -5.071  2.10 0.91 ? 6  GLN A HB3  1 
ATOM 94  H HG2  . GLN A 1 6  ? -6.510  -0.455  -2.841  2.70 0.55 ? 6  GLN A HG2  1 
ATOM 95  H HG3  . GLN A 1 6  ? -7.871  0.667   -2.822  2.80 0.99 ? 6  GLN A HG3  1 
ATOM 96  H HE21 . GLN A 1 6  ? -9.968  -0.179  -2.345  4.10 0.52 ? 6  GLN A HE21 1 
ATOM 97  H HE22 . GLN A 1 6  ? -10.239 -1.811  -1.949  4.50 0.59 ? 6  GLN A HE22 1 
ATOM 98  N N    . THR A 1 7  ? -6.817  2.536   -4.740  1.70 0.28 ? 7  THR A N    1 
ATOM 99  C CA   . THR A 1 7  ? -6.591  3.880   -4.136  1.80 0.04 ? 7  THR A CA   1 
ATOM 100 C C    . THR A 1 7  ? -6.036  3.704   -2.723  1.50 0.34 ? 7  THR A C    1 
ATOM 101 O O    . THR A 1 7  ? -4.841  3.744   -2.506  2.20 0.08 ? 7  THR A O    1 
ATOM 102 C CB   . THR A 1 7  ? -7.917  4.642   -4.075  1.90 0.49 ? 7  THR A CB   1 
ATOM 103 O OG1  . THR A 1 7  ? -8.981  3.766   -4.414  2.20 0.18 ? 7  THR A OG1  1 
ATOM 104 C CG2  . THR A 1 7  ? -7.881  5.812   -5.061  2.30 0.14 ? 7  THR A CG2  1 
ATOM 105 H H    . THR A 1 7  ? -7.645  2.353   -5.232  2.00 0.51 ? 7  THR A H    1 
ATOM 106 H HA   . THR A 1 7  ? -5.883  4.432   -4.737  2.10 0.91 ? 7  THR A HA   1 
ATOM 107 H HB   . THR A 1 7  ? -8.067  5.023   -3.076  2.20 0.49 ? 7  THR A HB   1 
ATOM 108 H HG1  . THR A 1 7  ? -9.127  3.828   -5.361  2.50 0.98 ? 7  THR A HG1  1 
ATOM 109 H HG21 . THR A 1 7  ? -6.944  6.339   -4.960  2.80 0.32 ? 7  THR A HG21 1 
ATOM 110 H HG22 . THR A 1 7  ? -7.976  5.436   -6.069  2.60 0.20 ? 7  THR A HG22 1 
ATOM 111 H HG23 . THR A 1 7  ? -8.698  6.486   -4.850  2.40 0.86 ? 7  THR A HG23 1 
ATOM 112 N N    . ALA A 1 8  ? -6.891  3.496   -1.760  0.80 0.30 ? 8  ALA A N    1 
ATOM 113 C CA   . ALA A 1 8  ? -6.403  3.303   -0.368  0.60 0.51 ? 8  ALA A CA   1 
ATOM 114 C C    . ALA A 1 8  ? -7.137  2.125   0.269   0.60 0.98 ? 8  ALA A C    1 
ATOM 115 O O    . ALA A 1 8  ? -8.344  2.008   0.195   1.10 0.12 ? 8  ALA A O    1 
ATOM 116 C CB   . ALA A 1 8  ? -6.644  4.567   0.458   0.70 0.54 ? 8  ALA A CB   1 
ATOM 117 H H    . ALA A 1 8  ? -7.851  3.456   -1.954  0.90 0.52 ? 8  ALA A H    1 
ATOM 118 H HA   . ALA A 1 8  ? -5.345  3.089   -0.392  0.70 0.09 ? 8  ALA A HA   1 
ATOM 119 H HB1  . ALA A 1 8  ? -6.512  5.436   -0.169  1.30 0.91 ? 8  ALA A HB1  1 
ATOM 120 H HB2  . ALA A 1 8  ? -7.648  4.554   0.853   1.00 0.24 ? 8  ALA A HB2  1 
ATOM 121 H HB3  . ALA A 1 8  ? -5.936  4.601   1.274   1.20 0.02 ? 8  ALA A HB3  1 
ATOM 122 N N    . CYS A 1 9  ? -6.402  1.247   0.883   0.70 0.27 ? 9  CYS A N    1 
ATOM 123 C CA   . CYS A 1 9  ? -7.011  0.052   1.527   0.80 0.02 ? 9  CYS A CA   1 
ATOM 124 C C    . CYS A 1 9  ? -6.216  -0.218  2.822   0.80 0.59 ? 9  CYS A C    1 
ATOM 125 O O    . CYS A 1 9  ? -6.098  0.671   3.632   1.20 0.63 ? 9  CYS A O    1 
ATOM 126 C CB   . CYS A 1 9  ? -6.933  -1.099  0.510   0.90 0.08 ? 9  CYS A CB   1 
ATOM 127 S SG   . CYS A 1 9  ? -5.203  -1.482  0.170   1.00 0.07 ? 9  CYS A SG   1 
ATOM 128 H H    . CYS A 1 9  ? -5.427  1.368   0.916   0.90 0.98 ? 9  CYS A H    1 
ATOM 129 H HA   . CYS A 1 9  ? -8.041  0.242   1.786   0.80 0.93 ? 9  CYS A HA   1 
ATOM 130 H HB2  . CYS A 1 9  ? -7.438  -1.971  0.885   1.00 0.67 ? 9  CYS A HB2  1 
ATOM 131 H HB3  . CYS A 1 9  ? -7.410  -0.786  -0.409  1.10 0.98 ? 9  CYS A HB3  1 
ATOM 132 N N    . PRO A 1 10 ? -5.679  -1.401  2.988   0.60 0.92 ? 10 PRO A N    1 
ATOM 133 C CA   . PRO A 1 10 ? -4.883  -1.601  4.221   0.70 0.78 ? 10 PRO A CA   1 
ATOM 134 C C    . PRO A 1 10 ? -3.466  -2.045  3.858   0.80 0.36 ? 10 PRO A C    1 
ATOM 135 O O    . PRO A 1 10 ? -2.986  -1.796  2.769   1.60 0.16 ? 10 PRO A O    1 
ATOM 136 C CB   . PRO A 1 10 ? -5.600  -2.679  5.036   0.90 0.47 ? 10 PRO A CB   1 
ATOM 137 C CG   . PRO A 1 10 ? -6.928  -2.964  4.326   0.90 0.25 ? 10 PRO A CG   1 
ATOM 138 C CD   . PRO A 1 10 ? -6.853  -2.308  2.957   0.80 0.10 ? 10 PRO A CD   1 
ATOM 139 H HA   . PRO A 1 10 ? -4.851  -0.685  4.782   0.80 0.02 ? 10 PRO A HA   1 
ATOM 140 H HB2  . PRO A 1 10 ? -4.997  -3.576  5.071   1.00 0.43 ? 10 PRO A HB2  1 
ATOM 141 H HB3  . PRO A 1 10 ? -5.791  -2.321  6.036   1.10 0.14 ? 10 PRO A HB3  1 
ATOM 142 H HG2  . PRO A 1 10 ? -7.073  -4.025  4.216   0.90 0.75 ? 10 PRO A HG2  1 
ATOM 143 H HG3  . PRO A 1 10 ? -7.745  -2.529  4.884   1.00 0.72 ? 10 PRO A HG3  1 
ATOM 144 H HD2  . PRO A 1 10 ? -6.709  -3.059  2.199   0.80 0.69 ? 10 PRO A HD2  1 
ATOM 145 H HD3  . PRO A 1 10 ? -7.758  -1.749  2.769   0.90 0.20 ? 10 PRO A HD3  1 
ATOM 146 N N    . ALA A 1 11 ? -2.789  -2.692  4.761   0.80 0.74 ? 11 ALA A N    1 
ATOM 147 C CA   . ALA A 1 11 ? -1.400  -3.143  4.466   0.80 0.17 ? 11 ALA A CA   1 
ATOM 148 C C    . ALA A 1 11 ? -1.132  -4.468  5.184   0.90 0.45 ? 11 ALA A C    1 
ATOM 149 O O    . ALA A 1 11 ? -0.163  -4.609  5.903   1.50 0.03 ? 11 ALA A O    1 
ATOM 150 C CB   . ALA A 1 11 ? -0.410  -2.088  4.964   0.80 0.60 ? 11 ALA A CB   1 
ATOM 151 H H    . ALA A 1 11 ? -3.193  -2.880  5.634   1.40 0.90 ? 11 ALA A H    1 
ATOM 152 H HA   . ALA A 1 11 ? -1.280  -3.274  3.399   0.70 0.57 ? 11 ALA A HA   1 
ATOM 153 H HB1  . ALA A 1 11 ? -0.582  -1.899  6.013   1.30 0.35 ? 11 ALA A HB1  1 
ATOM 154 H HB2  . ALA A 1 11 ? 0.599   -2.447  4.823   1.40 0.37 ? 11 ALA A HB2  1 
ATOM 155 H HB3  . ALA A 1 11 ? -0.548  -1.174  4.405   1.20 0.43 ? 11 ALA A HB3  1 
ATOM 156 N N    . ASP A 1 12 ? -1.984  -5.440  5.000   1.00 0.89 ? 12 ASP A N    1 
ATOM 157 C CA   . ASP A 1 12 ? -1.775  -6.750  5.679   1.20 0.54 ? 12 ASP A CA   1 
ATOM 158 C C    . ASP A 1 12 ? -0.899  -7.649  4.804   1.10 0.35 ? 12 ASP A C    1 
ATOM 159 O O    . ASP A 1 12 ? -0.887  -8.854  4.955   1.50 0.77 ? 12 ASP A O    1 
ATOM 160 C CB   . ASP A 1 12 ? -3.128  -7.426  5.913   1.40 0.76 ? 12 ASP A CB   1 
ATOM 161 C CG   . ASP A 1 12 ? -3.376  -7.565  7.416   2.10 0.63 ? 12 ASP A CG   1 
ATOM 162 O OD1  . ASP A 1 12 ? -2.744  -8.412  8.025   2.60 0.63 ? 12 ASP A OD1  1 
ATOM 163 O OD2  . ASP A 1 12 ? -4.194  -6.821  7.933   2.80 0.35 ? 12 ASP A OD2  1 
ATOM 164 H H    . ASP A 1 12 ? -2.762  -5.307  4.419   1.40 0.92 ? 12 ASP A H    1 
ATOM 165 H HA   . ASP A 1 12 ? -1.285  -6.588  6.626   1.30 0.93 ? 12 ASP A HA   1 
ATOM 166 H HB2  . ASP A 1 12 ? -3.911  -6.826  5.472   1.80 0.63 ? 12 ASP A HB2  1 
ATOM 167 H HB3  . ASP A 1 12 ? -3.124  -8.407  5.458   1.50 0.43 ? 12 ASP A HB3  1 
ATOM 168 N N    . CYS A 1 13 ? -0.165  -7.067  3.897   0.90 0.27 ? 13 CYS A N    1 
ATOM 169 C CA   . CYS A 1 13 ? 0.717   -7.878  3.010   0.80 0.13 ? 13 CYS A CA   1 
ATOM 170 C C    . CYS A 1 13 ? -0.018  -9.146  2.568   0.80 0.36 ? 13 CYS A C    1 
ATOM 171 O O    . CYS A 1 13 ? 0.200   -10.217 3.098   1.10 0.64 ? 13 CYS A O    1 
ATOM 172 C CB   . CYS A 1 13 ? 1.988   -8.260  3.772   0.90 0.32 ? 13 CYS A CB   1 
ATOM 173 S SG   . CYS A 1 13 ? 2.711   -6.777  4.518   1.30 0.91 ? 13 CYS A SG   1 
ATOM 174 H H    . CYS A 1 13 ? -0.192  -6.094  3.802   1.10 0.84 ? 13 CYS A H    1 
ATOM 175 H HA   . CYS A 1 13 ? 0.983   -7.295  2.140   0.70 0.59 ? 13 CYS A HA   1 
ATOM 176 H HB2  . CYS A 1 13 ? 1.743   -8.971  4.548   1.00 0.68 ? 13 CYS A HB2  1 
ATOM 177 H HB3  . CYS A 1 13 ? 2.699   -8.702  3.088   0.90 0.29 ? 13 CYS A HB3  1 
ATOM 178 N N    . ASP A 1 14 ? -0.888  -9.032  1.602   0.80 0.86 ? 14 ASP A N    1 
ATOM 179 C CA   . ASP A 1 14 ? -1.636  -10.230 1.128   1.00 0.02 ? 14 ASP A CA   1 
ATOM 180 C C    . ASP A 1 14 ? -0.671  -11.411 0.991   0.90 0.37 ? 14 ASP A C    1 
ATOM 181 O O    . ASP A 1 14 ? 0.504   -11.226 0.745   1.00 0.63 ? 14 ASP A O    1 
ATOM 182 C CB   . ASP A 1 14 ? -2.272  -9.929  -0.230  1.10 0.65 ? 14 ASP A CB   1 
ATOM 183 C CG   . ASP A 1 14 ? -3.774  -9.706  -0.052  1.60 0.57 ? 14 ASP A CG   1 
ATOM 184 O OD1  . ASP A 1 14 ? -4.149  -8.608  0.324   2.20 0.68 ? 14 ASP A OD1  1 
ATOM 185 O OD2  . ASP A 1 14 ? -4.524  -10.637 -0.296  2.00 0.24 ? 14 ASP A OD2  1 
ATOM 186 H H    . ASP A 1 14 ? -1.049  -8.158  1.189   1.10 0.09 ? 14 ASP A H    1 
ATOM 187 H HA   . ASP A 1 14 ? -2.408  -10.476 1.841   1.20 0.64 ? 14 ASP A HA   1 
ATOM 188 H HB2  . ASP A 1 14 ? -1.822  -9.040  -0.649  1.20 0.61 ? 14 ASP A HB2  1 
ATOM 189 H HB3  . ASP A 1 14 ? -2.110  -10.765 -0.896  1.10 0.25 ? 14 ASP A HB3  1 
ATOM 190 N N    . PRO A 1 15 ? -1.204  -12.592 1.153   1.00 0.69 ? 15 PRO A N    1 
ATOM 191 C CA   . PRO A 1 15 ? -0.341  -13.788 1.034   1.20 0.26 ? 15 PRO A CA   1 
ATOM 192 C C    . PRO A 1 15 ? -0.304  -14.268 -0.419  1.20 0.12 ? 15 PRO A C    1 
ATOM 193 O O    . PRO A 1 15 ? -0.096  -15.433 -0.692  1.50 0.35 ? 15 PRO A O    1 
ATOM 194 C CB   . PRO A 1 15 ? -0.984  -14.853 1.931   1.40 0.82 ? 15 PRO A CB   1 
ATOM 195 C CG   . PRO A 1 15 ? -2.252  -14.234 2.556   1.50 0.09 ? 15 PRO A CG   1 
ATOM 196 C CD   . PRO A 1 15 ? -2.368  -12.793 2.041   1.30 0.12 ? 15 PRO A CD   1 
ATOM 197 H HA   . PRO A 1 15 ? 0.655   -13.568 1.383   1.30 0.63 ? 15 PRO A HA   1 
ATOM 198 H HB2  . PRO A 1 15 ? -1.249  -15.718 1.339   1.50 0.10 ? 15 PRO A HB2  1 
ATOM 199 H HB3  . PRO A 1 15 ? -0.298  -15.139 2.712   1.70 0.45 ? 15 PRO A HB3  1 
ATOM 200 H HG2  . PRO A 1 15 ? -3.122  -14.803 2.259   1.50 0.31 ? 15 PRO A HG2  1 
ATOM 201 H HG3  . PRO A 1 15 ? -2.166  -14.229 3.632   1.70 0.79 ? 15 PRO A HG3  1 
ATOM 202 H HD2  . PRO A 1 15 ? -3.289  -12.668 1.489   1.30 0.14 ? 15 PRO A HD2  1 
ATOM 203 H HD3  . PRO A 1 15 ? -2.329  -12.098 2.866   1.40 0.99 ? 15 PRO A HD3  1 
ATOM 204 N N    . ASN A 1 16 ? -0.504  -13.379 -1.353  1.10 0.19 ? 16 ASN A N    1 
ATOM 205 C CA   . ASN A 1 16 ? -0.480  -13.788 -2.787  1.30 0.75 ? 16 ASN A CA   1 
ATOM 206 C C    . ASN A 1 16 ? -0.164  -12.571 -3.661  1.30 0.77 ? 16 ASN A C    1 
ATOM 207 O O    . ASN A 1 16 ? -0.689  -12.425 -4.746  1.70 0.30 ? 16 ASN A O    1 
ATOM 208 C CB   . ASN A 1 16 ? -1.845  -14.356 -3.177  1.50 0.73 ? 16 ASN A CB   1 
ATOM 209 C CG   . ASN A 1 16 ? -1.970  -15.789 -2.659  1.90 0.62 ? 16 ASN A CG   1 
ATOM 210 O OD1  . ASN A 1 16 ? -1.411  -16.704 -3.229  2.70 0.22 ? 16 ASN A OD1  1 
ATOM 211 N ND2  . ASN A 1 16 ? -2.685  -16.024 -1.593  2.00 0.84 ? 16 ASN A ND2  1 
ATOM 212 H H    . ASN A 1 16 ? -0.671  -12.444 -1.113  1.10 0.04 ? 16 ASN A H    1 
ATOM 213 H HA   . ASN A 1 16 ? 0.279   -14.542 -2.932  1.50 0.72 ? 16 ASN A HA   1 
ATOM 214 H HB2  . ASN A 1 16 ? -2.626  -13.746 -2.745  1.70 0.47 ? 16 ASN A HB2  1 
ATOM 215 H HB3  . ASN A 1 16 ? -1.941  -14.355 -4.253  1.70 0.94 ? 16 ASN A HB3  1 
ATOM 216 H HD21 . ASN A 1 16 ? -3.137  -15.283 -1.132  2.10 0.75 ? 16 ASN A HD21 1 
ATOM 217 H HD22 . ASN A 1 16 ? -2.771  -16.942 -1.252  2.50 0.04 ? 16 ASN A HD22 1 
ATOM 218 N N    . THR A 1 17 ? 0.694   -11.703 -3.198  1.10 0.38 ? 17 THR A N    1 
ATOM 219 C CA   . THR A 1 17 ? 1.046   -10.499 -4.007  1.20 0.28 ? 17 THR A CA   1 
ATOM 220 C C    . THR A 1 17 ? 1.993   -9.603  -3.217  0.90 0.58 ? 17 THR A C    1 
ATOM 221 O O    . THR A 1 17 ? 2.814   -8.899  -3.772  1.10 0.30 ? 17 THR A O    1 
ATOM 222 C CB   . THR A 1 17 ? -0.224  -9.719  -4.355  1.40 0.84 ? 17 THR A CB   1 
ATOM 223 O OG1  . THR A 1 17 ? 0.117   -8.584  -5.139  2.10 0.83 ? 17 THR A OG1  1 
ATOM 224 C CG2  . THR A 1 17 ? -0.914  -9.264  -3.069  1.40 0.97 ? 17 THR A CG2  1 
ATOM 225 H H    . THR A 1 17 ? 1.109   -11.845 -2.323  1.00 0.50 ? 17 THR A H    1 
ATOM 226 H HA   . THR A 1 17 ? 1.533   -10.811 -4.905  1.40 0.66 ? 17 THR A HA   1 
ATOM 227 H HB   . THR A 1 17 ? -0.896  -10.352 -4.914  1.90 0.00 ? 17 THR A HB   1 
ATOM 228 H HG1  . THR A 1 17 ? 1.029   -8.353  -4.945  2.30 0.94 ? 17 THR A HG1  1 
ATOM 229 H HG21 . THR A 1 17 ? -0.521  -9.822  -2.232  1.90 0.48 ? 17 THR A HG21 1 
ATOM 230 H HG22 . THR A 1 17 ? -0.732  -8.210  -2.916  1.70 0.99 ? 17 THR A HG22 1 
ATOM 231 H HG23 . THR A 1 17 ? -1.977  -9.438  -3.149  1.80 0.41 ? 17 THR A HG23 1 
ATOM 232 N N    . GLN A 1 18 ? 1.882   -9.629  -1.929  0.90 0.31 ? 18 GLN A N    1 
ATOM 233 C CA   . GLN A 1 18 ? 2.766   -8.785  -1.076  0.80 0.13 ? 18 GLN A CA   1 
ATOM 234 C C    . GLN A 1 18 ? 2.896   -7.392  -1.696  0.90 0.15 ? 18 GLN A C    1 
ATOM 235 O O    . GLN A 1 18 ? 3.984   -6.891  -1.898  1.50 0.96 ? 18 GLN A O    1 
ATOM 236 C CB   . GLN A 1 18 ? 4.149   -9.432  -0.980  1.00 0.90 ? 18 GLN A CB   1 
ATOM 237 C CG   . GLN A 1 18 ? 4.374   -9.948  0.442   1.40 0.23 ? 18 GLN A CG   1 
ATOM 238 C CD   . GLN A 1 18 ? 5.677   -9.368  0.996   1.90 0.01 ? 18 GLN A CD   1 
ATOM 239 O OE1  . GLN A 1 18 ? 5.676   -8.709  2.017   2.40 0.91 ? 18 GLN A OE1  1 
ATOM 240 N NE2  . GLN A 1 18 ? 6.796   -9.585  0.361   2.40 0.15 ? 18 GLN A NE2  1 
ATOM 241 H H    . GLN A 1 18 ? 1.212   -10.208 -1.522  1.20 0.33 ? 18 GLN A H    1 
ATOM 242 H HA   . GLN A 1 18 ? 2.339   -8.701  -0.088  0.70 0.44 ? 18 GLN A HA   1 
ATOM 243 H HB2  . GLN A 1 18 ? 4.210   -10.255 -1.677  1.60 0.13 ? 18 GLN A HB2  1 
ATOM 244 H HB3  . GLN A 1 18 ? 4.906   -8.700  -1.219  1.60 0.28 ? 18 GLN A HB3  1 
ATOM 245 H HG2  . GLN A 1 18 ? 3.548   -9.645  1.070   1.80 0.68 ? 18 GLN A HG2  1 
ATOM 246 H HG3  . GLN A 1 18 ? 4.440   -11.026 0.428   1.90 0.88 ? 18 GLN A HG3  1 
ATOM 247 H HE21 . GLN A 1 18 ? 6.797   -10.117 -0.464  2.60 0.91 ? 18 GLN A HE21 1 
ATOM 248 H HE22 . GLN A 1 18 ? 7.638   -9.216  0.710   2.80 0.94 ? 18 GLN A HE22 1 
ATOM 249 N N    . ALA A 1 19 ? 1.794   -6.762  -2.000  1.00 0.48 ? 19 ALA A N    1 
ATOM 250 C CA   . ALA A 1 19 ? 1.857   -5.403  -2.608  1.00 0.95 ? 19 ALA A CA   1 
ATOM 251 C C    . ALA A 1 19 ? 1.590   -4.349  -1.532  0.90 0.64 ? 19 ALA A C    1 
ATOM 252 O O    . ALA A 1 19 ? 2.328   -3.393  -1.390  1.80 0.22 ? 19 ALA A O    1 
ATOM 253 C CB   . ALA A 1 19 ? 0.799   -5.288  -3.708  1.30 0.21 ? 19 ALA A CB   1 
ATOM 254 H H    . ALA A 1 19 ? 0.926   -7.184  -1.830  1.50 0.91 ? 19 ALA A H    1 
ATOM 255 H HA   . ALA A 1 19 ? 2.837   -5.243  -3.033  1.20 0.50 ? 19 ALA A HA   1 
ATOM 256 H HB1  . ALA A 1 19 ? 0.078   -6.085  -3.598  1.60 0.53 ? 19 ALA A HB1  1 
ATOM 257 H HB2  . ALA A 1 19 ? 0.298   -4.335  -3.626  1.70 0.77 ? 19 ALA A HB2  1 
ATOM 258 H HB3  . ALA A 1 19 ? 1.275   -5.364  -4.674  1.70 0.31 ? 19 ALA A HB3  1 
ATOM 259 N N    . SER A 1 20 ? 0.540   -4.511  -0.775  0.60 0.36 ? 20 SER A N    1 
ATOM 260 C CA   . SER A 1 20 ? 0.228   -3.517  0.289   0.50 0.07 ? 20 SER A CA   1 
ATOM 261 C C    . SER A 1 20 ? 1.440   -3.357  1.212   0.60 0.51 ? 20 SER A C    1 
ATOM 262 O O    . SER A 1 20 ? 2.524   -3.801  0.902   1.60 0.48 ? 20 SER A O    1 
ATOM 263 C CB   . SER A 1 20 ? -0.972  -4.001  1.103   0.60 0.38 ? 20 SER A CB   1 
ATOM 264 O OG   . SER A 1 20 ? -0.514  -4.808  2.179   1.30 0.48 ? 20 SER A OG   1 
ATOM 265 H H    . SER A 1 20 ? -0.043  -5.287  -0.906  1.20 0.86 ? 20 SER A H    1 
ATOM 266 H HA   . SER A 1 20 ? -0.006  -2.565  -0.165  0.50 0.72 ? 20 SER A HA   1 
ATOM 267 H HB2  . SER A 1 20 ? -1.508  -3.155  1.499   1.20 0.24 ? 20 SER A HB2  1 
ATOM 268 H HB3  . SER A 1 20 ? -1.631  -4.574  0.464   0.90 0.49 ? 20 SER A HB3  1 
ATOM 269 H HG   . SER A 1 20 ? -0.517  -5.723  1.886   1.60 0.47 ? 20 SER A HG   1 
ATOM 270 N N    . CYS A 1 21 ? 1.256   -2.729  2.345   0.60 0.34 ? 21 CYS A N    1 
ATOM 271 C CA   . CYS A 1 21 ? 2.385   -2.522  3.309   0.50 0.39 ? 21 CYS A CA   1 
ATOM 272 C C    . CYS A 1 21 ? 3.674   -2.186  2.565   0.50 0.96 ? 21 CYS A C    1 
ATOM 273 O O    . CYS A 1 21 ? 3.973   -1.033  2.323   1.10 0.78 ? 21 CYS A O    1 
ATOM 274 C CB   . CYS A 1 21 ? 2.597   -3.766  4.188   0.50 0.91 ? 21 CYS A CB   1 
ATOM 275 S SG   . CYS A 1 21 ? 2.129   -5.274  3.299   1.30 0.16 ? 21 CYS A SG   1 
ATOM 276 H H    . CYS A 1 21 ? 0.364   -2.386  2.567   1.40 0.07 ? 21 CYS A H    1 
ATOM 277 H HA   . CYS A 1 21 ? 2.144   -1.695  3.941   0.60 0.25 ? 21 CYS A HA   1 
ATOM 278 H HB2  . CYS A 1 21 ? 3.638   -3.827  4.468   0.70 0.23 ? 21 CYS A HB2  1 
ATOM 279 H HB3  . CYS A 1 21 ? 1.993   -3.674  5.080   0.70 0.43 ? 21 CYS A HB3  1 
ATOM 280 N N    . GLU A 1 22 ? 4.435   -3.180  2.216   1.00 0.55 ? 22 GLU A N    1 
ATOM 281 C CA   . GLU A 1 22 ? 5.725   -2.944  1.488   1.10 0.55 ? 22 GLU A CA   1 
ATOM 282 C C    . GLU A 1 22 ? 5.560   -1.783  0.513   1.00 0.55 ? 22 GLU A C    1 
ATOM 283 O O    . GLU A 1 22 ? 6.476   -1.029  0.251   1.10 0.86 ? 22 GLU A O    1 
ATOM 284 C CB   . GLU A 1 22 ? 6.124   -4.208  0.721   1.30 0.12 ? 22 GLU A CB   1 
ATOM 285 C CG   . GLU A 1 22 ? 4.917   -4.740  -0.055  1.50 0.91 ? 22 GLU A CG   1 
ATOM 286 C CD   . GLU A 1 22 ? 4.177   -5.771  0.798   1.90 0.08 ? 22 GLU A CD   1 
ATOM 287 O OE1  . GLU A 1 22 ? 4.771   -6.270  1.739   2.40 0.61 ? 22 GLU A OE1  1 
ATOM 288 O OE2  . GLU A 1 22 ? 3.027   -6.046  0.494   1.90 0.98 ? 22 GLU A OE2  1 
ATOM 289 H H    . GLU A 1 22 ? 4.158   -4.086  2.442   1.60 0.62 ? 22 GLU A H    1 
ATOM 290 H HA   . GLU A 1 22 ? 6.485   -2.698  2.195   1.30 0.21 ? 22 GLU A HA   1 
ATOM 291 H HB2  . GLU A 1 22 ? 6.921   -3.973  0.031   1.30 0.86 ? 22 GLU A HB2  1 
ATOM 292 H HB3  . GLU A 1 22 ? 6.461   -4.960  1.418   1.50 0.61 ? 22 GLU A HB3  1 
ATOM 293 H HG2  . GLU A 1 22 ? 4.252   -3.921  -0.290  1.70 0.01 ? 22 GLU A HG2  1 
ATOM 294 H HG3  . GLU A 1 22 ? 5.253   -5.206  -0.969  1.70 0.66 ? 22 GLU A HG3  1 
ATOM 295 N N    . CYS A 1 23 ? 4.382   -1.625  0.012   1.00 0.38 ? 23 CYS A N    1 
ATOM 296 C CA   . CYS A 1 23 ? 4.086   -0.510  -0.915  1.00 0.24 ? 23 CYS A CA   1 
ATOM 297 C C    . CYS A 1 23 ? 4.930   -0.603  -2.181  0.90 0.42 ? 23 CYS A C    1 
ATOM 298 O O    . CYS A 1 23 ? 6.025   -1.130  -2.174  1.10 0.48 ? 23 CYS A O    1 
ATOM 299 C CB   . CYS A 1 23 ? 4.391   0.805   -0.206  1.20 0.39 ? 23 CYS A CB   1 
ATOM 300 S SG   . CYS A 1 23 ? 2.965   1.322   0.778   1.70 0.56 ? 23 CYS A SG   1 
ATOM 301 H H    . CYS A 1 23 ? 3.679   -2.229  0.271   1.10 0.64 ? 23 CYS A H    1 
ATOM 302 H HA   . CYS A 1 23 ? 3.044   -0.539  -1.182  1.10 0.29 ? 23 CYS A HA   1 
ATOM 303 H HB2  . CYS A 1 23 ? 5.241   0.664   0.446   1.50 0.65 ? 23 CYS A HB2  1 
ATOM 304 H HB3  . CYS A 1 23 ? 4.618   1.561   -0.939  1.20 0.00 ? 23 CYS A HB3  1 
ATOM 305 N N    . PRO A 1 24 ? 4.380   -0.049  -3.225  0.80 0.82 ? 24 PRO A N    1 
ATOM 306 C CA   . PRO A 1 24 ? 5.090   -0.026  -4.518  0.90 0.67 ? 24 PRO A CA   1 
ATOM 307 C C    . PRO A 1 24 ? 6.531   0.441   -4.317  0.90 0.84 ? 24 PRO A C    1 
ATOM 308 O O    . PRO A 1 24 ? 6.952   0.723   -3.214  1.30 0.77 ? 24 PRO A O    1 
ATOM 309 C CB   . PRO A 1 24 ? 4.303   0.978   -5.369  0.90 0.15 ? 24 PRO A CB   1 
ATOM 310 C CG   . PRO A 1 24 ? 2.918   1.130   -4.711  0.80 0.58 ? 24 PRO A CG   1 
ATOM 311 C CD   . PRO A 1 24 ? 3.020   0.528   -3.302  0.80 0.01 ? 24 PRO A CD   1 
ATOM 312 H HA   . PRO A 1 24 ? 5.068   -0.999  -4.980  1.10 0.63 ? 24 PRO A HA   1 
ATOM 313 H HB2  . PRO A 1 24 ? 4.812   1.937   -5.374  0.80 0.61 ? 24 PRO A HB2  1 
ATOM 314 H HB3  . PRO A 1 24 ? 4.189   0.613   -6.375  1.00 0.88 ? 24 PRO A HB3  1 
ATOM 315 H HG2  . PRO A 1 24 ? 2.653   2.174   -4.653  0.80 0.24 ? 24 PRO A HG2  1 
ATOM 316 H HG3  . PRO A 1 24 ? 2.177   0.592   -5.282  1.00 0.14 ? 24 PRO A HG3  1 
ATOM 317 H HD2  . PRO A 1 24 ? 2.894   1.298   -2.554  0.70 0.21 ? 24 PRO A HD2  1 
ATOM 318 H HD3  . PRO A 1 24 ? 2.283   -0.249  -3.170  0.90 0.12 ? 24 PRO A HD3  1 
ATOM 319 N N    . GLU A 1 25 ? 7.290   0.526   -5.373  1.20 0.23 ? 25 GLU A N    1 
ATOM 320 C CA   . GLU A 1 25 ? 8.699   0.978   -5.234  1.20 0.62 ? 25 GLU A CA   1 
ATOM 321 C C    . GLU A 1 25 ? 8.734   2.504   -5.220  1.10 0.08 ? 25 GLU A C    1 
ATOM 322 O O    . GLU A 1 25 ? 9.218   3.135   -6.139  1.20 0.80 ? 25 GLU A O    1 
ATOM 323 C CB   . GLU A 1 25 ? 9.525   0.457   -6.410  1.50 0.98 ? 25 GLU A CB   1 
ATOM 324 C CG   . GLU A 1 25 ? 10.216  -0.848  -6.010  2.10 0.37 ? 25 GLU A CG   1 
ATOM 325 C CD   . GLU A 1 25 ? 9.745   -1.977  -6.929  2.80 0.88 ? 25 GLU A CD   1 
ATOM 326 O OE1  . GLU A 1 25 ? 8.655   -2.479  -6.708  3.30 0.98 ? 25 GLU A OE1  1 
ATOM 327 O OE2  . GLU A 1 25 ? 10.482  -2.321  -7.839  3.40 0.49 ? 25 GLU A OE2  1 
ATOM 328 H H    . GLU A 1 25 ? 6.932   0.294   -6.256  1.60 0.78 ? 25 GLU A H    1 
ATOM 329 H HA   . GLU A 1 25 ? 9.107   0.602   -4.308  1.30 0.98 ? 25 GLU A HA   1 
ATOM 330 H HB2  . GLU A 1 25 ? 8.876   0.279   -7.255  1.90 0.57 ? 25 GLU A HB2  1 
ATOM 331 H HB3  . GLU A 1 25 ? 10.272  1.189   -6.677  1.90 0.60 ? 25 GLU A HB3  1 
ATOM 332 H HG2  . GLU A 1 25 ? 11.286  -0.732  -6.102  2.40 0.90 ? 25 GLU A HG2  1 
ATOM 333 H HG3  . GLU A 1 25 ? 9.965   -1.091  -4.989  2.50 0.09 ? 25 GLU A HG3  1 
ATOM 334 N N    . GLY A 1 26 ? 8.224   3.103   -4.181  1.20 0.53 ? 26 GLY A N    1 
ATOM 335 C CA   . GLY A 1 26 ? 8.226   4.586   -4.104  1.50 0.14 ? 26 GLY A CA   1 
ATOM 336 C C    . GLY A 1 26 ? 6.858   5.083   -3.630  1.20 0.71 ? 26 GLY A C    1 
ATOM 337 O O    . GLY A 1 26 ? 6.647   6.269   -3.477  1.40 0.85 ? 26 GLY A O    1 
ATOM 338 H H    . GLY A 1 26 ? 7.841   2.576   -3.452  1.40 0.56 ? 26 GLY A H    1 
ATOM 339 H HA2  . GLY A 1 26 ? 8.988   4.907   -3.407  1.80 0.10 ? 26 GLY A HA2  1 
ATOM 340 H HA3  . GLY A 1 26 ? 8.434   4.995   -5.081  1.70 0.78 ? 26 GLY A HA3  1 
ATOM 341 N N    . TYR A 1 27 ? 5.921   4.198   -3.391  0.90 0.40 ? 27 TYR A N    1 
ATOM 342 C CA   . TYR A 1 27 ? 4.586   4.676   -2.929  0.80 0.02 ? 27 TYR A CA   1 
ATOM 343 C C    . TYR A 1 27 ? 4.757   5.415   -1.602  0.80 0.39 ? 27 TYR A C    1 
ATOM 344 O O    . TYR A 1 27 ? 4.310   6.533   -1.438  1.10 0.70 ? 27 TYR A O    1 
ATOM 345 C CB   . TYR A 1 27 ? 3.615   3.511   -2.724  0.60 0.59 ? 27 TYR A CB   1 
ATOM 346 C CG   . TYR A 1 27 ? 2.251   3.934   -3.222  0.70 0.70 ? 27 TYR A CG   1 
ATOM 347 C CD1  . TYR A 1 27 ? 2.111   4.438   -4.521  1.30 0.26 ? 27 TYR A CD1  1 
ATOM 348 C CD2  . TYR A 1 27 ? 1.129   3.825   -2.390  1.50 0.69 ? 27 TYR A CD2  1 
ATOM 349 C CE1  . TYR A 1 27 ? 0.853   4.834   -4.988  1.40 0.00 ? 27 TYR A CE1  1 
ATOM 350 C CE2  . TYR A 1 27 ? -0.129  4.221   -2.859  1.70 0.36 ? 27 TYR A CE2  1 
ATOM 351 C CZ   . TYR A 1 27 ? -0.268  4.726   -4.158  1.10 0.63 ? 27 TYR A CZ   1 
ATOM 352 O OH   . TYR A 1 27 ? -1.508  5.115   -4.618  1.30 0.94 ? 27 TYR A OH   1 
ATOM 353 H H    . TYR A 1 27 ? 6.095   3.240   -3.515  0.90 0.19 ? 27 TYR A H    1 
ATOM 354 H HA   . TYR A 1 27 ? 4.180   5.344   -3.673  0.90 0.53 ? 27 TYR A HA   1 
ATOM 355 H HB2  . TYR A 1 27 ? 3.956   2.650   -3.277  0.60 0.40 ? 27 TYR A HB2  1 
ATOM 356 H HB3  . TYR A 1 27 ? 3.551   3.267   -1.670  0.60 0.51 ? 27 TYR A HB3  1 
ATOM 357 H HD1  . TYR A 1 27 ? 2.975   4.523   -5.161  2.10 0.10 ? 27 TYR A HD1  1 
ATOM 358 H HD2  . TYR A 1 27 ? 1.234   3.440   -1.388  2.30 0.36 ? 27 TYR A HD2  1 
ATOM 359 H HE1  . TYR A 1 27 ? 0.747   5.223   -5.990  2.10 0.37 ? 27 TYR A HE1  1 
ATOM 360 H HE2  . TYR A 1 27 ? -0.993  4.137   -2.220  2.50 0.83 ? 27 TYR A HE2  1 
ATOM 361 H HH   . TYR A 1 27 ? -1.460  5.190   -5.574  1.50 0.38 ? 27 TYR A HH   1 
ATOM 362 N N    . ILE A 1 28 ? 5.409   4.790   -0.658  0.90 0.11 ? 28 ILE A N    1 
ATOM 363 C CA   . ILE A 1 28 ? 5.629   5.431   0.669   1.00 0.57 ? 28 ILE A CA   1 
ATOM 364 C C    . ILE A 1 28 ? 4.376   5.251   1.539   0.90 0.28 ? 28 ILE A C    1 
ATOM 365 O O    . ILE A 1 28 ? 3.323   5.781   1.248   0.90 0.57 ? 28 ILE A O    1 
ATOM 366 C CB   . ILE A 1 28 ? 5.974   6.925   0.471   1.20 0.59 ? 28 ILE A CB   1 
ATOM 367 C CG1  . ILE A 1 28 ? 7.204   7.268   1.315   1.40 0.18 ? 28 ILE A CG1  1 
ATOM 368 C CG2  . ILE A 1 28 ? 4.810   7.835   0.890   1.80 0.47 ? 28 ILE A CG2  1 
ATOM 369 C CD1  . ILE A 1 28 ? 8.425   6.530   0.762   1.80 0.87 ? 28 ILE A CD1  1 
ATOM 370 H H    . ILE A 1 28 ? 5.757   3.890   -0.825  1.10 0.29 ? 28 ILE A H    1 
ATOM 371 H HA   . ILE A 1 28 ? 6.460   4.939   1.155   1.20 0.31 ? 28 ILE A HA   1 
ATOM 372 H HB   . ILE A 1 28 ? 6.201   7.099   -0.571  1.70 0.48 ? 28 ILE A HB   1 
ATOM 373 H HG12 . ILE A 1 28 ? 7.381   8.334   1.276   1.70 0.37 ? 28 ILE A HG12 1 
ATOM 374 H HG13 . ILE A 1 28 ? 7.036   6.965   2.338   1.60 0.93 ? 28 ILE A HG13 1 
ATOM 375 H HG21 . ILE A 1 28 ? 3.925   7.571   0.331   2.20 0.13 ? 28 ILE A HG21 1 
ATOM 376 H HG22 . ILE A 1 28 ? 4.619   7.713   1.945   2.20 0.94 ? 28 ILE A HG22 1 
ATOM 377 H HG23 . ILE A 1 28 ? 5.069   8.865   0.689   2.30 0.14 ? 28 ILE A HG23 1 
ATOM 378 H HD11 . ILE A 1 28 ? 8.101   5.647   0.230   2.30 0.95 ? 28 ILE A HD11 1 
ATOM 379 H HD12 . ILE A 1 28 ? 8.965   7.179   0.089   2.20 0.95 ? 28 ILE A HD12 1 
ATOM 380 H HD13 . ILE A 1 28 ? 9.071   6.240   1.579   2.10 0.73 ? 28 ILE A HD13 1 
ATOM 381 N N    . LEU A 1 29 ? 4.487   4.499   2.600   0.80 0.65 ? 29 LEU A N    1 
ATOM 382 C CA   . LEU A 1 29 ? 3.311   4.280   3.485   0.80 0.26 ? 29 LEU A CA   1 
ATOM 383 C C    . LEU A 1 29 ? 2.806   5.621   4.012   0.80 0.77 ? 29 LEU A C    1 
ATOM 384 O O    . LEU A 1 29 ? 3.171   6.672   3.523   0.90 0.79 ? 29 LEU A O    1 
ATOM 385 C CB   . LEU A 1 29 ? 3.719   3.396   4.664   0.80 0.93 ? 29 LEU A CB   1 
ATOM 386 C CG   . LEU A 1 29 ? 3.238   1.971   4.412   0.70 0.12 ? 29 LEU A CG   1 
ATOM 387 C CD1  . LEU A 1 29 ? 3.830   1.035   5.461   0.70 0.97 ? 29 LEU A CD1  1 
ATOM 388 C CD2  . LEU A 1 29 ? 1.713   1.921   4.500   0.60 0.69 ? 29 LEU A CD2  1 
ATOM 389 H H    . LEU A 1 29 ? 5.344   4.075   2.813   0.90 0.08 ? 29 LEU A H    1 
ATOM 390 H HA   . LEU A 1 29 ? 2.525   3.793   2.925   0.80 0.16 ? 29 LEU A HA   1 
ATOM 391 H HB2  . LEU A 1 29 ? 4.796   3.402   4.761   1.00 0.42 ? 29 LEU A HB2  1 
ATOM 392 H HB3  . LEU A 1 29 ? 3.270   3.771   5.571   1.00 0.28 ? 29 LEU A HB3  1 
ATOM 393 H HG   . LEU A 1 29 ? 3.553   1.658   3.428   0.70 0.07 ? 29 LEU A HG   1 
ATOM 394 H HD11 . LEU A 1 29 ? 3.882   1.547   6.409   1.20 0.42 ? 29 LEU A HD11 1 
ATOM 395 H HD12 . LEU A 1 29 ? 3.203   0.161   5.556   1.20 0.13 ? 29 LEU A HD12 1 
ATOM 396 H HD13 . LEU A 1 29 ? 4.822   0.737   5.156   1.40 0.37 ? 29 LEU A HD13 1 
ATOM 397 H HD21 . LEU A 1 29 ? 1.367   2.661   5.207   1.10 0.87 ? 29 LEU A HD21 1 
ATOM 398 H HD22 . LEU A 1 29 ? 1.295   2.126   3.528   1.20 0.97 ? 29 LEU A HD22 1 
ATOM 399 H HD23 . LEU A 1 29 ? 1.403   0.939   4.825   1.10 0.25 ? 29 LEU A HD23 1 
ATOM 400 N N    . ASP A 1 30 ? 1.968   5.591   5.008   0.90 0.14 ? 30 ASP A N    1 
ATOM 401 C CA   . ASP A 1 30 ? 1.435   6.861   5.576   1.00 0.97 ? 30 ASP A CA   1 
ATOM 402 C C    . ASP A 1 30 ? 0.869   6.596   6.971   1.20 0.77 ? 30 ASP A C    1 
ATOM 403 O O    . ASP A 1 30 ? 0.710   5.463   7.381   1.70 0.24 ? 30 ASP A O    1 
ATOM 404 C CB   . ASP A 1 30 ? 0.327   7.399   4.668   1.50 0.54 ? 30 ASP A CB   1 
ATOM 405 C CG   . ASP A 1 30 ? 0.686   8.813   4.207   2.00 0.77 ? 30 ASP A CG   1 
ATOM 406 O OD1  . ASP A 1 30 ? 1.073   9.608   5.047   2.30 0.63 ? 30 ASP A OD1  1 
ATOM 407 O OD2  . ASP A 1 30 ? 0.566   9.077   3.022   2.80 0.77 ? 30 ASP A OD2  1 
ATOM 408 H H    . ASP A 1 30 ? 1.690   4.728   5.386   0.80 0.88 ? 30 ASP A H    1 
ATOM 409 H HA   . ASP A 1 30 ? 2.231   7.587   5.642   1.20 0.63 ? 30 ASP A HA   1 
ATOM 410 H HB2  . ASP A 1 30 ? 0.221   6.755   3.807   1.90 0.93 ? 30 ASP A HB2  1 
ATOM 411 H HB3  . ASP A 1 30 ? -0.604  7.427   5.214   1.90 0.59 ? 30 ASP A HB3  1 
ATOM 412 N N    . ASP A 1 31 ? 0.560   7.631   7.704   1.30 0.98 ? 31 ASP A N    1 
ATOM 413 C CA   . ASP A 1 31 ? 0.004   7.434   9.072   1.80 0.55 ? 31 ASP A CA   1 
ATOM 414 C C    . ASP A 1 31 ? -1.054  6.330   9.033   1.40 0.07 ? 31 ASP A C    1 
ATOM 415 O O    . ASP A 1 31 ? -2.174  6.545   8.612   1.80 0.78 ? 31 ASP A O    1 
ATOM 416 C CB   . ASP A 1 31 ? -0.636  8.737   9.556   2.60 0.89 ? 31 ASP A CB   1 
ATOM 417 C CG   . ASP A 1 31 ? -1.650  9.224   8.518   3.20 0.45 ? 31 ASP A CG   1 
ATOM 418 O OD1  . ASP A 1 31 ? -1.394  9.045   7.339   3.60 0.18 ? 31 ASP A OD1  1 
ATOM 419 O OD2  . ASP A 1 31 ? -2.665  9.769   8.922   3.70 0.90 ? 31 ASP A OD2  1 
ATOM 420 H H    . ASP A 1 31 ? 0.696   8.536   7.355   1.40 0.72 ? 31 ASP A H    1 
ATOM 421 H HA   . ASP A 1 31 ? 0.797   7.149   9.747   2.30 0.03 ? 31 ASP A HA   1 
ATOM 422 H HB2  . ASP A 1 31 ? -1.138  8.565   10.497  3.00 0.38 ? 31 ASP A HB2  1 
ATOM 423 H HB3  . ASP A 1 31 ? 0.129   9.487   9.687   3.10 0.03 ? 31 ASP A HB3  1 
ATOM 424 N N    . GLY A 1 32 ? -0.709  5.149   9.466   1.00 0.84 ? 32 GLY A N    1 
ATOM 425 C CA   . GLY A 1 32 ? -1.697  4.034   9.450   1.10 0.93 ? 32 GLY A CA   1 
ATOM 426 C C    . GLY A 1 32 ? -1.044  2.772   8.889   1.10 0.24 ? 32 GLY A C    1 
ATOM 427 O O    . GLY A 1 32 ? -1.657  1.726   8.815   1.40 0.38 ? 32 GLY A O    1 
ATOM 428 H H    . GLY A 1 32 ? 0.198   4.996   9.802   1.30 0.78 ? 32 GLY A H    1 
ATOM 429 H HA2  . GLY A 1 32 ? -2.042  3.843   10.454  1.50 0.16 ? 32 GLY A HA2  1 
ATOM 430 H HA3  . GLY A 1 32 ? -2.534  4.305   8.826   1.30 0.83 ? 32 GLY A HA3  1 
ATOM 431 N N    . PHE A 1 33 ? 0.192   2.858   8.484   0.90 0.60 ? 33 PHE A N    1 
ATOM 432 C CA   . PHE A 1 33 ? 0.871   1.661   7.921   0.90 0.04 ? 33 PHE A CA   1 
ATOM 433 C C    . PHE A 1 33 ? 0.061   1.141   6.733   0.80 0.34 ? 33 PHE A C    1 
ATOM 434 O O    . PHE A 1 33 ? 0.230   0.020   6.297   0.80 0.53 ? 33 PHE A O    1 
ATOM 435 C CB   . PHE A 1 33 ? 0.966   0.572   8.992   1.00 0.82 ? 33 PHE A CB   1 
ATOM 436 C CG   . PHE A 1 33 ? 2.160   0.842   9.877   1.20 0.48 ? 33 PHE A CG   1 
ATOM 437 C CD1  . PHE A 1 33 ? 3.441   0.464   9.457   2.00 0.32 ? 33 PHE A CD1  1 
ATOM 438 C CD2  . PHE A 1 33 ? 1.986   1.470   11.115  1.80 0.77 ? 33 PHE A CD2  1 
ATOM 439 C CE1  . PHE A 1 33 ? 4.547   0.713   10.277  2.70 0.42 ? 33 PHE A CE1  1 
ATOM 440 C CE2  . PHE A 1 33 ? 3.093   1.720   11.935  2.50 0.62 ? 33 PHE A CE2  1 
ATOM 441 C CZ   . PHE A 1 33 ? 4.373   1.342   11.516  2.80 0.26 ? 33 PHE A CZ   1 
ATOM 442 H H    . PHE A 1 33 ? 0.672   3.710   8.544   1.00 0.85 ? 33 PHE A H    1 
ATOM 443 H HA   . PHE A 1 33 ? 1.863   1.931   7.590   0.80 0.66 ? 33 PHE A HA   1 
ATOM 444 H HB2  . PHE A 1 33 ? 0.065   0.576   9.590   1.60 0.13 ? 33 PHE A HB2  1 
ATOM 445 H HB3  . PHE A 1 33 ? 1.081   -0.391  8.516   1.30 0.61 ? 33 PHE A HB3  1 
ATOM 446 H HD1  . PHE A 1 33 ? 3.575   -0.021  8.501   2.50 0.29 ? 33 PHE A HD1  1 
ATOM 447 H HD2  . PHE A 1 33 ? 0.997   1.762   11.439  2.30 0.60 ? 33 PHE A HD2  1 
ATOM 448 H HE1  . PHE A 1 33 ? 5.536   0.422   9.954   3.50 0.56 ? 33 PHE A HE1  1 
ATOM 449 H HE2  . PHE A 1 33 ? 2.958   2.204   12.891  3.20 0.72 ? 33 PHE A HE2  1 
ATOM 450 H HZ   . PHE A 1 33 ? 5.227   1.535   12.148  3.50 0.28 ? 33 PHE A HZ   1 
ATOM 451 N N    . ILE A 1 34 ? -0.815  1.951   6.201   0.80 0.08 ? 34 ILE A N    1 
ATOM 452 C CA   . ILE A 1 34 ? -1.627  1.505   5.036   0.80 0.07 ? 34 ILE A CA   1 
ATOM 453 C C    . ILE A 1 34 ? -1.003  2.043   3.759   0.70 0.03 ? 34 ILE A C    1 
ATOM 454 O O    . ILE A 1 34 ? -0.515  3.155   3.715   0.80 0.75 ? 34 ILE A O    1 
ATOM 455 C CB   . ILE A 1 34 ? -3.052  2.046   5.146   0.90 0.43 ? 34 ILE A CB   1 
ATOM 456 C CG1  . ILE A 1 34 ? -3.752  1.446   6.375   1.10 0.10 ? 34 ILE A CG1  1 
ATOM 457 C CG2  . ILE A 1 34 ? -3.828  1.683   3.875   0.90 0.48 ? 34 ILE A CG2  1 
ATOM 458 C CD1  . ILE A 1 34 ? -3.444  -0.050  6.481   1.20 0.24 ? 34 ILE A CD1  1 
ATOM 459 H H    . ILE A 1 34 ? -0.933  2.853   6.563   0.80 0.32 ? 34 ILE A H    1 
ATOM 460 H HA   . ILE A 1 34 ? -1.649  0.428   5.002   0.80 0.40 ? 34 ILE A HA   1 
ATOM 461 H HB   . ILE A 1 34 ? -3.014  3.121   5.244   0.90 0.81 ? 34 ILE A HB   1 
ATOM 462 H HG12 . ILE A 1 34 ? -3.400  1.947   7.266   1.10 0.49 ? 34 ILE A HG12 1 
ATOM 463 H HG13 . ILE A 1 34 ? -4.819  1.585   6.282   1.30 0.12 ? 34 ILE A HG13 1 
ATOM 464 H HG21 . ILE A 1 34 ? -3.250  1.953   3.003   1.40 0.39 ? 34 ILE A HG21 1 
ATOM 465 H HG22 . ILE A 1 34 ? -4.021  0.620   3.856   1.10 0.64 ? 34 ILE A HG22 1 
ATOM 466 H HG23 . ILE A 1 34 ? -4.767  2.217   3.859   1.40 0.83 ? 34 ILE A HG23 1 
ATOM 467 H HD11 . ILE A 1 34 ? -3.176  -0.433  5.509   1.70 0.33 ? 34 ILE A HD11 1 
ATOM 468 H HD12 . ILE A 1 34 ? -2.625  -0.203  7.166   1.60 0.05 ? 34 ILE A HD12 1 
ATOM 469 H HD13 . ILE A 1 34 ? -4.319  -0.572  6.842   1.50 0.29 ? 34 ILE A HD13 1 
ATOM 470 N N    . CYS A 1 35 ? -1.019  1.273   2.713   0.50 0.53 ? 35 CYS A N    1 
ATOM 471 C CA   . CYS A 1 35 ? -0.429  1.758   1.439   0.50 0.70 ? 35 CYS A CA   1 
ATOM 472 C C    . CYS A 1 35 ? -1.493  2.530   0.660   0.70 0.87 ? 35 CYS A C    1 
ATOM 473 O O    . CYS A 1 35 ? -2.519  1.993   0.295   1.70 0.17 ? 35 CYS A O    1 
ATOM 474 C CB   . CYS A 1 35 ? 0.055   0.574   0.609   0.40 0.83 ? 35 CYS A CB   1 
ATOM 475 S SG   . CYS A 1 35 ? 1.393   1.125   -0.471  1.00 0.95 ? 35 CYS A SG   1 
ATOM 476 H H    . CYS A 1 35 ? -1.426  0.380   2.763   0.50 0.78 ? 35 CYS A H    1 
ATOM 477 H HA   . CYS A 1 35 ? 0.408   2.410   1.658   0.60 0.36 ? 35 CYS A HA   1 
ATOM 478 H HB2  . CYS A 1 35 ? 0.419   -0.204  1.266   0.70 0.11 ? 35 CYS A HB2  1 
ATOM 479 H HB3  . CYS A 1 35 ? -0.756  0.193   0.010   0.70 0.02 ? 35 CYS A HB3  1 
ATOM 480 N N    . THR A 1 36 ? -1.267  3.790   0.411   0.70 0.31 ? 36 THR A N    1 
ATOM 481 C CA   . THR A 1 36 ? -2.278  4.590   -0.333  0.70 0.37 ? 36 THR A CA   1 
ATOM 482 C C    . THR A 1 36 ? -1.645  5.894   -0.821  0.90 0.52 ? 36 THR A C    1 
ATOM 483 O O    . THR A 1 36 ? -0.526  6.220   -0.478  1.50 0.59 ? 36 THR A O    1 
ATOM 484 C CB   . THR A 1 36 ? -3.447  4.907   0.598   0.90 0.35 ? 36 THR A CB   1 
ATOM 485 O OG1  . THR A 1 36 ? -4.116  6.073   0.138   1.70 0.18 ? 36 THR A OG1  1 
ATOM 486 C CG2  . THR A 1 36 ? -2.919  5.139   2.013   1.60 0.95 ? 36 THR A CG2  1 
ATOM 487 H H    . THR A 1 36 ? -0.437  4.211   0.721   1.30 0.82 ? 36 THR A H    1 
ATOM 488 H HA   . THR A 1 36 ? -2.636  4.023   -1.179  0.80 0.77 ? 36 THR A HA   1 
ATOM 489 H HB   . THR A 1 36 ? -4.135  4.076   0.608   0.70 0.70 ? 36 THR A HB   1 
ATOM 490 H HG1  . THR A 1 36 ? -4.645  5.831   -0.625  2.00 0.32 ? 36 THR A HG1  1 
ATOM 491 H HG21 . THR A 1 36 ? -2.354  4.276   2.331   2.10 0.31 ? 36 THR A HG21 1 
ATOM 492 H HG22 . THR A 1 36 ? -2.279  6.010   2.019   2.20 0.43 ? 36 THR A HG22 1 
ATOM 493 H HG23 . THR A 1 36 ? -3.748  5.296   2.686   2.00 0.92 ? 36 THR A HG23 1 
ATOM 494 N N    . ASP A 1 37 ? -2.354  6.643   -1.620  0.80 0.39 ? 37 ASP A N    1 
ATOM 495 C CA   . ASP A 1 37 ? -1.794  7.926   -2.131  1.20 0.40 ? 37 ASP A CA   1 
ATOM 496 C C    . ASP A 1 37 ? -2.917  8.768   -2.737  1.10 0.80 ? 37 ASP A C    1 
ATOM 497 O O    . ASP A 1 37 ? -3.072  8.844   -3.939  1.90 0.49 ? 37 ASP A O    1 
ATOM 498 C CB   . ASP A 1 37 ? -0.742  7.633   -3.205  1.70 0.67 ? 37 ASP A CB   1 
ATOM 499 C CG   . ASP A 1 37 ? 0.223   8.813   -3.310  2.40 0.16 ? 37 ASP A CG   1 
ATOM 500 O OD1  . ASP A 1 37 ? 0.444   9.465   -2.302  2.90 0.82 ? 37 ASP A OD1  1 
ATOM 501 O OD2  . ASP A 1 37 ? 0.727   9.047   -4.397  2.90 0.23 ? 37 ASP A OD2  1 
ATOM 502 H H    . ASP A 1 37 ? -3.254  6.361   -1.885  0.80 0.80 ? 37 ASP A H    1 
ATOM 503 H HA   . ASP A 1 37 ? -1.335  8.468   -1.317  1.50 0.19 ? 37 ASP A HA   1 
ATOM 504 H HB2  . ASP A 1 37 ? -0.194  6.740   -2.936  1.80 0.62 ? 37 ASP A HB2  1 
ATOM 505 H HB3  . ASP A 1 37 ? -1.230  7.483   -4.156  2.10 0.69 ? 37 ASP A HB3  1 
ATOM 506 N N    . ILE A 1 38 ? -3.706  9.403   -1.912  1.00 0.77 ? 38 ILE A N    1 
ATOM 507 C CA   . ILE A 1 38 ? -4.819  10.239  -2.441  1.30 0.03 ? 38 ILE A CA   1 
ATOM 508 C C    . ILE A 1 38 ? -4.793  11.611  -1.763  1.60 0.84 ? 38 ILE A C    1 
ATOM 509 O O    . ILE A 1 38 ? -5.727  12.381  -1.863  2.40 0.29 ? 38 ILE A O    1 
ATOM 510 C CB   . ILE A 1 38 ? -6.155  9.553   -2.150  1.70 0.51 ? 38 ILE A CB   1 
ATOM 511 C CG1  . ILE A 1 38 ? -6.284  9.307   -0.645  2.50 0.33 ? 38 ILE A CG1  1 
ATOM 512 C CG2  . ILE A 1 38 ? -6.215  8.217   -2.892  1.90 0.73 ? 38 ILE A CG2  1 
ATOM 513 C CD1  . ILE A 1 38 ? -7.673  9.742   -0.174  3.00 0.54 ? 38 ILE A CD1  1 
ATOM 514 H H    . ILE A 1 38 ? -3.565  9.329   -0.945  1.50 0.35 ? 38 ILE A H    1 
ATOM 515 H HA   . ILE A 1 38 ? -4.701  10.363  -3.507  1.50 0.60 ? 38 ILE A HA   1 
ATOM 516 H HB   . ILE A 1 38 ? -6.964  10.186  -2.485  2.20 0.56 ? 38 ILE A HB   1 
ATOM 517 H HG12 . ILE A 1 38 ? -6.146  8.254   -0.441  2.70 0.95 ? 38 ILE A HG12 1 
ATOM 518 H HG13 . ILE A 1 38 ? -5.533  9.878   -0.121  3.00 0.60 ? 38 ILE A HG13 1 
ATOM 519 H HG21 . ILE A 1 38 ? -5.855  8.349   -3.902  2.30 0.63 ? 38 ILE A HG21 1 
ATOM 520 H HG22 . ILE A 1 38 ? -5.594  7.493   -2.382  2.20 0.88 ? 38 ILE A HG22 1 
ATOM 521 H HG23 . ILE A 1 38 ? -7.234  7.862   -2.915  2.30 0.35 ? 38 ILE A HG23 1 
ATOM 522 H HD11 . ILE A 1 38 ? -7.914  10.703  -0.603  3.30 0.59 ? 38 ILE A HD11 1 
ATOM 523 H HD12 . ILE A 1 38 ? -8.405  9.012   -0.489  3.40 0.55 ? 38 ILE A HD12 1 
ATOM 524 H HD13 . ILE A 1 38 ? -7.680  9.817   0.904   3.20 0.80 ? 38 ILE A HD13 1 
ATOM 525 N N    . ASP A 1 39 ? -3.729  11.922  -1.073  1.90 0.24 ? 39 ASP A N    1 
ATOM 526 C CA   . ASP A 1 39 ? -3.644  13.243  -0.390  2.60 0.28 ? 39 ASP A CA   1 
ATOM 527 C C    . ASP A 1 39 ? -2.473  13.234  0.595   2.70 0.40 ? 39 ASP A C    1 
ATOM 528 O O    . ASP A 1 39 ? -1.548  14.013  0.481   3.30 0.85 ? 39 ASP A O    1 
ATOM 529 C CB   . ASP A 1 39 ? -4.946  13.511  0.368   3.50 0.13 ? 39 ASP A CB   1 
ATOM 530 C CG   . ASP A 1 39 ? -5.723  14.628  -0.330  3.90 0.76 ? 39 ASP A CG   1 
ATOM 531 O OD1  . ASP A 1 39 ? -5.224  15.741  -0.359  4.20 0.59 ? 39 ASP A OD1  1 
ATOM 532 O OD2  . ASP A 1 39 ? -6.804  14.353  -0.824  4.50 0.28 ? 39 ASP A OD2  1 
ATOM 533 H H    . ASP A 1 39 ? -2.986  11.286  -1.006  2.10 0.08 ? 39 ASP A H    1 
ATOM 534 H HA   . ASP A 1 39 ? -3.491  14.019  -1.125  3.00 0.81 ? 39 ASP A HA   1 
ATOM 535 H HB2  . ASP A 1 39 ? -5.544  12.610  0.383   3.90 0.20 ? 39 ASP A HB2  1 
ATOM 536 H HB3  . ASP A 1 39 ? -4.719  13.811  1.380   3.90 0.83 ? 39 ASP A HB3  1 
ATOM 537 N N    . GLU A 1 40 ? -2.506  12.358  1.561   2.80 0.44 ? 40 GLU A N    1 
ATOM 538 C CA   . GLU A 1 40 ? -1.395  12.299  2.551   3.60 0.46 ? 40 GLU A CA   1 
ATOM 539 C C    . GLU A 1 40 ? -1.674  11.190  3.567   4.10 0.43 ? 40 GLU A C    1 
ATOM 540 O O    . GLU A 1 40 ? -2.518  10.354  3.284   4.50 0.56 ? 40 GLU A O    1 
ATOM 541 C CB   . GLU A 1 40 ? -1.289  13.642  3.279   4.30 0.44 ? 40 GLU A CB   1 
ATOM 542 C CG   . GLU A 1 40 ? -2.484  13.808  4.220   5.10 0.47 ? 40 GLU A CG   1 
ATOM 543 C CD   . GLU A 1 40 ? -2.419  15.183  4.889   6.00 0.57 ? 40 GLU A CD   1 
ATOM 544 O OE1  . GLU A 1 40 ? -1.319  15.647  5.138   6.70 0.53 ? 40 GLU A OE1  1 
ATOM 545 O OE2  . GLU A 1 40 ? -3.471  15.747  5.140   6.30 0.06 ? 40 GLU A OE2  1 
ATOM 546 O OXT  . GLU A 1 40 ? -1.041  11.195  4.609   4.50 0.56 ? 40 GLU A OXT  1 
ATOM 547 H H    . GLU A 1 40 ? -3.262  11.738  1.635   2.80 0.58 ? 40 GLU A H    1 
ATOM 548 H HA   . GLU A 1 40 ? -0.466  12.093  2.040   3.90 0.67 ? 40 GLU A HA   1 
ATOM 549 H HB2  . GLU A 1 40 ? -0.373  13.670  3.851   4.30 0.11 ? 40 GLU A HB2  1 
ATOM 550 H HB3  . GLU A 1 40 ? -1.287  14.443  2.556   4.70 0.82 ? 40 GLU A HB3  1 
ATOM 551 H HG2  . GLU A 1 40 ? -3.401  13.725  3.654   5.20 0.76 ? 40 GLU A HG2  1 
ATOM 552 H HG3  . GLU A 1 40 ? -2.457  13.040  4.977   5.30 0.35 ? 40 GLU A HG3  1 
# 
